data_7ZK6
#
_entry.id   7ZK6
#
_cell.length_a   1.00
_cell.length_b   1.00
_cell.length_c   1.00
_cell.angle_alpha   90.00
_cell.angle_beta   90.00
_cell.angle_gamma   90.00
#
_symmetry.space_group_name_H-M   'P 1'
#
loop_
_entity.id
_entity.type
_entity.pdbx_description
1 polymer 'ATP-dependent translocase ABCB1'
2 non-polymer "ADENOSINE-5'-TRIPHOSPHATE"
3 non-polymer 'MAGNESIUM ION'
4 non-polymer 'CHOLESTEROL HEMISUCCINATE'
5 non-polymer (4S,11S,18S)-4-[[(2,4-dinitrophenyl)disulfanyl]methyl]-11,18-dimethyl-6,13,20-trithia-3,10,17,22,23,24-hexazatetracyclo[17.2.1.1^{5,8}.1^{12,15}]tetracosa-1(21),5(24),7,12(23),14,19(22)-hexaene-2,9,16-trione
6 non-polymer (4~{S},11~{S},18~{S})-4,11-dimethyl-18-(sulfanylmethyl)-6,13,20-trithia-3,10,17,22,23,24-hexazatetracyclo[17.2.1.1^{5,8}.1^{12,15}]tetracosa-1(21),5(24),7,12(23),14,19(22)-hexaene-2,9,16-trione
7 water water
#
_entity_poly.entity_id   1
_entity_poly.type   'polypeptide(L)'
_entity_poly.pdbx_seq_one_letter_code
;MELEEDLKGRADKNFSKMGKKSKKEKKEKKPAVSVLTMFRYAGWLDRLYMLVGTLAAIIHGVALPLMMLIFGDMTDSFAS
VGQVSKQSTQMSEADKRAMFAKLEEEMTTYAYYYTGIGAGVLIVAYIQVSFWALAAGRQIHKIRQKFFHAIMNQEIGWFD
VHDVGELNTRLTDDVSKINEGIGDKIGMFFQAMATFFGGFIIGFTRGWKLTLVILAISPVLGLSAGIWAKILSSFTDKEL
HAYAKAGAVAEEVLAAIRTVIAFGGQKKELERYNNNLEEAKRLGIKKAITANISMGAAFLLIYASYALAFWYGTSLVISK
EYSIGQVLTVFFSVCIGAFSVGQASPNIEAFANARGAAYEVFKIIDNKPSIDSFSKSGHKPDNIQGNLEFKNIHFSYPSR
KEVQILKGLNLKVKSGQTVALVGNSGGGKSTTVQLMQRLYDPLDGMVSIDGQDIRTINVRYLREIIGVVSQEPVLFATTI
AENIRYGREDVTMDEIEKAVKEANAYDFIMKLPHQFDTLVGERGAQLSGGQKQRIAIARALVRNPKILLLDEATSALDTE
SEAVVQAALDKAREGRTTIVIAHRLSTVRNADVIAGFDGGVIVEQGNHDELMREKGIYFKLVMTQTAGNEIELGNEAGKS
KDEIDNLDMSSKDSGSSLIRRRSTRKSITGPHDQDRKLSTKEALDEDVPPASFWRILKLNSTEWPYFVVGIFAAIINGGL
QPAFSVIFSKVVGVFTNGGPPETQRQNSNLFSLLFLILGIISFITFFLQGFTFGKAGEILTKRLRYMVFKSMLRQDVSWF
DDPKNTTGALTTRLANDAAQVKGATGSRLAVIFQNIANLGTGIIISLIYGWQLTLLLLAIVPIIAIAGVVEMKMLSGQAL
KDKKELEGSGKIATEAIENFRTVVSLTREQKFETMYAQSLQIPYRNAMKKAHVFGITFSFTQAMMYFSYAAAFRFGAYLV
TQQLMTFENVLLVFSAIVFGAMAVGQVSSFAPDYAKATVSASHIIRIIEKTPEIDSYSTQGLKPNMLEGNVQFSGVVFNY
PTRPSIPVLQGLSLEVKKGQTLALVGSSGGGKSTVVQLLERFYDPMAGSVFLDGKEIKQLNVQWLRAQLGIVSQEPILFD
RSIAENIAYGDNSRVVSYEEIVRAAKEANIHQFIDSLPDKYNTRVGDKGTQLSGGQKQRIAIARALVRQPHILLLDEATS
ALDTESEKVVQEALDKAREGRTVIVIAHRLSTIQNADLIVVIQNGKVKEHGTHQQLLAQKGIYFSMVSVQAGAKRSLEEN
LYFQGGGASGGSWSHPQFEKAAAGGGSGGGSWSHPQFEKGSGHHHHHH
;
_entity_poly.pdbx_strand_id   A
#
loop_
_chem_comp.id
_chem_comp.type
_chem_comp.name
_chem_comp.formula
ATP non-polymer ADENOSINE-5'-TRIPHOSPHATE 'C10 H16 N5 O13 P3'
JIZ non-polymer (4~{S},11~{S},18~{S})-4,11-dimethyl-18-(sulfanylmethyl)-6,13,20-trithia-3,10,17,22,23,24-hexazatetracyclo[17.2.1.1^{5,8}.1^{12,15}]tetracosa-1(21),5(24),7,12(23),14,19(22)-hexaene-2,9,16-trione 'C18 H18 N6 O3 S4'
JJI peptide-like (4S,11S,18S)-4-[[(2,4-dinitrophenyl)disulfanyl]methyl]-11,18-dimethyl-6,13,20-trithia-3,10,17,22,23,24-hexazatetracyclo[17.2.1.1^{5,8}.1^{12,15}]tetracosa-1(21),5(24),7,12(23),14,19(22)-hexaene-2,9,16-trione 'C24 H20 N8 O7 S5'
MG non-polymer 'MAGNESIUM ION' 'Mg 2'
Y01 non-polymer 'CHOLESTEROL HEMISUCCINATE' 'C31 H50 O4'
#
# COMPACT_ATOMS: atom_id res chain seq x y z
N SER A 34 23.81 4.23 0.73
CA SER A 34 24.82 4.82 1.60
C SER A 34 24.38 6.19 2.10
N VAL A 35 25.27 7.17 2.00
CA VAL A 35 24.98 8.54 2.40
C VAL A 35 24.99 9.52 1.25
N LEU A 36 25.70 9.23 0.16
CA LEU A 36 25.74 10.10 -1.01
C LEU A 36 25.17 9.40 -2.25
N THR A 37 25.00 8.08 -2.19
CA THR A 37 24.46 7.31 -3.30
C THR A 37 22.95 7.49 -3.45
N MET A 38 22.34 8.43 -2.72
CA MET A 38 20.93 8.74 -2.88
C MET A 38 20.60 9.21 -4.29
N PHE A 39 21.58 9.75 -5.03
CA PHE A 39 21.38 10.25 -6.38
C PHE A 39 22.34 9.49 -7.31
N ARG A 40 21.90 8.33 -7.80
CA ARG A 40 22.69 7.55 -8.74
C ARG A 40 22.10 7.48 -10.14
N TYR A 41 20.78 7.64 -10.28
CA TYR A 41 20.12 7.59 -11.57
C TYR A 41 19.74 8.98 -12.08
N ALA A 42 20.42 10.02 -11.59
CA ALA A 42 20.05 11.38 -11.95
C ALA A 42 20.27 11.65 -13.44
N GLY A 43 21.46 11.35 -13.94
CA GLY A 43 21.79 11.67 -15.31
C GLY A 43 22.09 13.15 -15.49
N TRP A 44 22.51 13.50 -16.71
CA TRP A 44 22.94 14.87 -16.98
C TRP A 44 21.78 15.85 -16.84
N LEU A 45 20.58 15.43 -17.22
CA LEU A 45 19.42 16.33 -17.13
C LEU A 45 19.11 16.69 -15.68
N ASP A 46 19.15 15.71 -14.77
CA ASP A 46 18.88 15.99 -13.37
C ASP A 46 20.06 16.64 -12.66
N ARG A 47 21.30 16.36 -13.06
CA ARG A 47 22.46 17.03 -12.49
C ARG A 47 22.51 18.50 -12.84
N LEU A 48 21.89 18.91 -13.95
CA LEU A 48 21.79 20.33 -14.31
C LEU A 48 20.55 20.98 -13.72
N TYR A 49 19.49 20.21 -13.49
CA TYR A 49 18.35 20.70 -12.73
C TYR A 49 18.70 21.00 -11.28
N MET A 50 19.53 20.18 -10.64
CA MET A 50 19.95 20.42 -9.27
C MET A 50 20.98 21.54 -9.17
N LEU A 51 21.93 21.60 -10.10
CA LEU A 51 22.97 22.63 -10.04
C LEU A 51 22.37 24.02 -10.27
N VAL A 52 21.60 24.19 -11.34
CA VAL A 52 20.91 25.45 -11.61
C VAL A 52 19.81 25.69 -10.58
N GLY A 53 19.24 24.63 -10.01
CA GLY A 53 18.28 24.79 -8.95
C GLY A 53 18.95 25.21 -7.66
N THR A 54 20.14 24.66 -7.39
CA THR A 54 20.88 25.07 -6.21
C THR A 54 21.34 26.52 -6.31
N LEU A 55 21.81 26.94 -7.49
CA LEU A 55 22.22 28.33 -7.67
C LEU A 55 21.04 29.27 -7.49
N ALA A 56 19.88 28.93 -8.06
CA ALA A 56 18.70 29.75 -7.86
C ALA A 56 18.23 29.77 -6.41
N ALA A 57 18.34 28.65 -5.71
CA ALA A 57 18.01 28.62 -4.29
C ALA A 57 18.95 29.53 -3.50
N ILE A 58 20.24 29.53 -3.85
CA ILE A 58 21.19 30.41 -3.17
C ILE A 58 20.85 31.87 -3.44
N ILE A 59 20.53 32.20 -4.69
CA ILE A 59 20.16 33.58 -5.02
C ILE A 59 18.90 34.00 -4.28
N HIS A 60 17.91 33.11 -4.22
CA HIS A 60 16.67 33.40 -3.50
C HIS A 60 16.93 33.59 -2.01
N GLY A 61 17.82 32.78 -1.42
CA GLY A 61 18.15 32.95 -0.02
C GLY A 61 18.88 34.25 0.25
N VAL A 62 19.78 34.65 -0.65
CA VAL A 62 20.52 35.91 -0.51
C VAL A 62 19.60 37.13 -0.61
N ALA A 63 18.41 36.99 -1.18
CA ALA A 63 17.52 38.12 -1.34
C ALA A 63 17.11 38.71 0.01
N LEU A 64 16.83 37.85 0.99
CA LEU A 64 16.44 38.34 2.31
C LEU A 64 17.52 39.17 3.01
N PRO A 65 18.79 38.79 3.02
CA PRO A 65 19.80 39.71 3.59
C PRO A 65 19.83 41.09 2.94
N LEU A 66 19.72 41.15 1.61
CA LEU A 66 19.65 42.46 0.95
C LEU A 66 18.33 43.15 1.25
N MET A 67 17.27 42.37 1.45
CA MET A 67 16.00 42.95 1.90
C MET A 67 16.15 43.61 3.26
N MET A 68 16.91 42.99 4.16
CA MET A 68 17.17 43.60 5.46
C MET A 68 18.08 44.82 5.32
N LEU A 69 19.06 44.76 4.41
CA LEU A 69 19.85 45.95 4.11
C LEU A 69 18.96 47.14 3.75
N ILE A 70 18.07 46.95 2.76
CA ILE A 70 17.25 48.07 2.33
C ILE A 70 16.26 48.48 3.41
N PHE A 71 15.72 47.50 4.16
CA PHE A 71 14.79 47.83 5.23
C PHE A 71 15.46 48.68 6.30
N GLY A 72 16.67 48.29 6.73
CA GLY A 72 17.38 49.09 7.71
C GLY A 72 17.77 50.46 7.19
N ASP A 73 18.22 50.51 5.92
CA ASP A 73 18.62 51.80 5.35
C ASP A 73 17.45 52.76 5.28
N MET A 74 16.26 52.27 4.87
CA MET A 74 15.11 53.16 4.83
C MET A 74 14.64 53.50 6.24
N THR A 75 14.71 52.54 7.17
CA THR A 75 14.29 52.82 8.54
C THR A 75 15.13 53.92 9.16
N ASP A 76 16.45 53.89 8.95
CA ASP A 76 17.28 54.99 9.41
C ASP A 76 17.06 56.26 8.61
N SER A 77 16.80 56.16 7.31
CA SER A 77 16.60 57.31 6.44
C SER A 77 15.18 57.85 6.50
N PHE A 78 14.23 57.08 7.03
CA PHE A 78 12.87 57.57 7.22
C PHE A 78 12.65 58.16 8.59
N ALA A 79 13.43 57.73 9.59
CA ALA A 79 13.41 58.30 10.93
C ALA A 79 14.18 59.61 11.01
N SER A 80 14.92 59.96 9.96
CA SER A 80 15.56 61.27 9.85
C SER A 80 14.54 62.39 9.71
N VAL A 81 13.33 62.06 9.26
CA VAL A 81 12.23 63.02 9.21
C VAL A 81 11.29 62.68 10.36
N GLY A 82 11.52 61.54 10.99
CA GLY A 82 10.83 61.19 12.20
C GLY A 82 11.42 61.99 13.36
N GLN A 83 10.69 62.18 14.45
CA GLN A 83 11.18 63.09 15.52
C GLN A 83 11.35 64.45 14.88
N VAL A 84 10.65 64.68 13.77
CA VAL A 84 10.63 66.07 13.22
C VAL A 84 9.84 66.84 14.27
N SER A 85 9.18 66.13 15.19
CA SER A 85 8.48 66.76 16.32
C SER A 85 9.51 67.57 17.12
N LYS A 86 10.75 67.07 17.22
CA LYS A 86 11.78 67.92 17.86
C LYS A 86 11.87 69.16 16.97
N GLN A 87 11.76 70.37 17.55
CA GLN A 87 11.75 71.64 16.78
C GLN A 87 10.63 71.60 15.73
N SER A 88 9.50 70.96 16.05
CA SER A 88 8.33 70.90 15.12
C SER A 88 7.80 72.30 14.89
N THR A 89 7.80 73.12 15.95
CA THR A 89 7.31 74.52 15.83
C THR A 89 8.18 75.28 14.82
N GLN A 90 9.50 75.08 14.87
CA GLN A 90 10.37 75.74 13.87
C GLN A 90 10.03 75.19 12.48
N MET A 91 9.72 76.07 11.54
CA MET A 91 9.25 75.56 10.23
C MET A 91 9.77 76.48 9.15
N SER A 92 10.87 76.10 8.50
CA SER A 92 11.28 76.91 7.33
C SER A 92 10.19 76.61 6.31
N GLU A 93 9.40 75.56 6.56
CA GLU A 93 8.29 75.15 5.69
C GLU A 93 8.92 74.47 4.51
N ALA A 94 9.78 75.17 3.80
CA ALA A 94 10.52 74.55 2.69
C ALA A 94 11.43 73.51 3.32
N ASP A 95 11.98 73.79 4.52
CA ASP A 95 12.87 72.83 5.21
C ASP A 95 12.04 71.58 5.50
N LYS A 96 10.82 71.77 5.97
CA LYS A 96 9.87 70.65 6.17
C LYS A 96 9.46 70.14 4.79
N ARG A 97 9.26 71.05 3.85
CA ARG A 97 8.76 70.62 2.54
C ARG A 97 9.85 69.79 1.93
N ALA A 98 11.08 70.23 2.09
CA ALA A 98 12.22 69.45 1.59
C ALA A 98 12.34 68.19 2.41
N MET A 99 12.30 68.32 3.75
CA MET A 99 12.38 67.13 4.64
C MET A 99 11.42 66.07 4.10
N PHE A 100 10.24 66.49 3.64
CA PHE A 100 9.25 65.49 3.19
C PHE A 100 9.59 65.13 1.74
N ALA A 101 9.57 66.09 0.85
CA ALA A 101 9.93 65.87 -0.55
C ALA A 101 11.21 65.07 -0.68
N LYS A 102 12.23 65.37 0.12
CA LYS A 102 13.39 64.49 0.20
C LYS A 102 13.00 63.09 0.65
N LEU A 103 12.11 62.98 1.65
CA LEU A 103 11.67 61.68 2.12
C LEU A 103 11.10 60.83 0.99
N GLU A 104 10.20 61.41 0.19
CA GLU A 104 9.66 60.70 -0.96
C GLU A 104 10.64 60.59 -2.11
N GLU A 105 11.70 61.40 -2.11
CA GLU A 105 12.77 61.26 -3.09
C GLU A 105 13.64 60.04 -2.86
N GLU A 106 14.10 59.78 -1.63
CA GLU A 106 14.77 58.51 -1.35
C GLU A 106 13.82 57.33 -1.25
N MET A 107 12.61 57.51 -0.74
CA MET A 107 11.64 56.43 -0.70
C MET A 107 11.25 55.93 -2.09
N THR A 108 11.24 56.82 -3.09
CA THR A 108 11.09 56.40 -4.47
C THR A 108 12.19 55.47 -4.94
N THR A 109 13.45 55.79 -4.62
CA THR A 109 14.56 54.88 -4.93
C THR A 109 14.43 53.58 -4.17
N TYR A 110 14.03 53.65 -2.90
CA TYR A 110 13.86 52.46 -2.07
C TYR A 110 12.81 51.51 -2.62
N ALA A 111 11.65 52.03 -3.07
CA ALA A 111 10.64 51.17 -3.64
C ALA A 111 11.10 50.49 -4.92
N TYR A 112 11.96 51.14 -5.70
CA TYR A 112 12.48 50.55 -6.93
C TYR A 112 13.36 49.33 -6.65
N TYR A 113 14.20 49.39 -5.62
CA TYR A 113 15.01 48.23 -5.24
C TYR A 113 14.13 47.08 -4.76
N TYR A 114 13.09 47.42 -4.00
CA TYR A 114 12.13 46.41 -3.56
C TYR A 114 11.49 45.72 -4.76
N THR A 115 11.04 46.52 -5.74
CA THR A 115 10.39 45.96 -6.92
C THR A 115 11.37 45.15 -7.76
N GLY A 116 12.63 45.59 -7.81
CA GLY A 116 13.64 44.82 -8.53
C GLY A 116 13.88 43.46 -7.90
N ILE A 117 14.00 43.42 -6.57
CA ILE A 117 14.15 42.15 -5.87
C ILE A 117 12.92 41.28 -6.07
N GLY A 118 11.73 41.89 -6.04
CA GLY A 118 10.52 41.12 -6.26
C GLY A 118 10.43 40.55 -7.66
N ALA A 119 10.87 41.32 -8.66
CA ALA A 119 10.89 40.80 -10.02
C ALA A 119 11.93 39.70 -10.18
N GLY A 120 13.09 39.86 -9.57
CA GLY A 120 14.14 38.86 -9.66
C GLY A 120 13.88 37.59 -8.88
N VAL A 121 13.06 37.63 -7.84
CA VAL A 121 12.73 36.45 -7.06
C VAL A 121 11.70 35.57 -7.76
N LEU A 122 10.82 36.17 -8.56
CA LEU A 122 9.85 35.42 -9.36
C LEU A 122 10.50 34.51 -10.38
N ILE A 123 11.76 34.80 -10.74
CA ILE A 123 12.46 33.95 -11.70
C ILE A 123 13.23 32.84 -10.99
N VAL A 124 13.92 33.17 -9.90
CA VAL A 124 14.79 32.22 -9.22
C VAL A 124 14.02 31.28 -8.30
N ALA A 125 12.86 31.70 -7.79
CA ALA A 125 12.02 30.82 -7.00
C ALA A 125 11.37 29.74 -7.83
N TYR A 126 10.93 30.05 -9.05
CA TYR A 126 10.45 29.01 -9.96
C TYR A 126 11.55 28.02 -10.28
N ILE A 127 12.76 28.51 -10.53
CA ILE A 127 13.90 27.64 -10.83
C ILE A 127 14.25 26.85 -9.57
N GLN A 128 14.14 27.49 -8.40
CA GLN A 128 14.40 26.81 -7.14
C GLN A 128 13.45 25.66 -6.86
N VAL A 129 12.14 25.84 -7.10
CA VAL A 129 11.19 24.78 -6.78
C VAL A 129 10.98 23.78 -7.93
N SER A 130 10.65 24.25 -9.13
CA SER A 130 10.33 23.37 -10.24
C SER A 130 11.52 22.51 -10.68
N PHE A 131 12.73 23.08 -10.70
CA PHE A 131 13.88 22.31 -11.15
C PHE A 131 14.19 21.16 -10.19
N TRP A 132 14.06 21.40 -8.89
CA TRP A 132 14.31 20.35 -7.91
C TRP A 132 13.25 19.27 -7.98
N ALA A 133 11.99 19.66 -8.17
CA ALA A 133 10.93 18.68 -8.35
C ALA A 133 11.07 17.92 -9.66
N LEU A 134 11.69 18.52 -10.67
CA LEU A 134 11.98 17.86 -11.93
C LEU A 134 13.22 16.96 -11.84
N ALA A 135 13.96 17.02 -10.74
CA ALA A 135 15.06 16.11 -10.52
C ALA A 135 14.59 14.98 -9.61
N ALA A 136 13.67 15.30 -8.70
CA ALA A 136 13.03 14.26 -7.90
C ALA A 136 12.10 13.41 -8.76
N GLY A 137 11.28 14.06 -9.59
CA GLY A 137 10.35 13.32 -10.43
C GLY A 137 11.03 12.42 -11.44
N ARG A 138 12.11 12.90 -12.06
CA ARG A 138 12.85 12.11 -13.03
C ARG A 138 13.71 11.03 -12.39
N GLN A 139 13.88 11.07 -11.07
CA GLN A 139 14.62 10.03 -10.36
C GLN A 139 13.72 9.07 -9.60
N ILE A 140 12.69 9.55 -8.90
CA ILE A 140 11.73 8.66 -8.25
C ILE A 140 11.01 7.77 -9.26
N HIS A 141 10.69 8.28 -10.43
CA HIS A 141 10.15 7.47 -11.51
C HIS A 141 11.13 6.42 -12.01
N LYS A 142 12.42 6.75 -12.09
CA LYS A 142 13.42 5.75 -12.47
C LYS A 142 13.72 4.82 -11.30
N ILE A 143 13.59 5.31 -10.07
CA ILE A 143 13.78 4.46 -8.89
C ILE A 143 12.73 3.37 -8.86
N ARG A 144 11.46 3.74 -9.08
CA ARG A 144 10.37 2.78 -8.99
C ARG A 144 10.47 1.68 -10.05
N GLN A 145 10.78 2.04 -11.30
CA GLN A 145 10.90 1.08 -12.38
C GLN A 145 12.05 0.10 -12.16
N LYS A 146 13.09 0.53 -11.44
CA LYS A 146 14.17 -0.37 -11.07
C LYS A 146 13.95 -1.10 -9.76
N PHE A 147 13.21 -0.53 -8.81
CA PHE A 147 12.80 -1.27 -7.63
C PHE A 147 11.92 -2.46 -8.01
N PHE A 148 10.97 -2.23 -8.94
CA PHE A 148 10.14 -3.30 -9.44
C PHE A 148 10.96 -4.33 -10.19
N HIS A 149 11.93 -3.88 -10.98
CA HIS A 149 12.82 -4.78 -11.72
C HIS A 149 13.65 -5.65 -10.80
N ALA A 150 14.13 -5.08 -9.70
CA ALA A 150 14.86 -5.86 -8.70
C ALA A 150 13.98 -6.81 -7.91
N ILE A 151 12.75 -6.44 -7.54
CA ILE A 151 11.84 -7.39 -6.91
C ILE A 151 11.52 -8.54 -7.86
N MET A 152 11.28 -8.23 -9.13
CA MET A 152 11.00 -9.27 -10.10
C MET A 152 12.21 -10.13 -10.40
N ASN A 153 13.41 -9.65 -10.10
CA ASN A 153 14.64 -10.37 -10.41
C ASN A 153 15.04 -11.37 -9.32
N GLN A 154 14.48 -11.26 -8.12
CA GLN A 154 14.92 -12.10 -7.02
C GLN A 154 14.54 -13.56 -7.26
N GLU A 155 15.27 -14.45 -6.60
CA GLU A 155 15.04 -15.87 -6.72
C GLU A 155 13.75 -16.27 -6.01
N ILE A 156 13.33 -17.52 -6.23
CA ILE A 156 12.16 -18.04 -5.54
C ILE A 156 12.43 -18.19 -4.05
N GLY A 157 13.66 -18.59 -3.70
CA GLY A 157 14.02 -18.70 -2.30
C GLY A 157 13.96 -17.38 -1.57
N TRP A 158 14.32 -16.30 -2.25
CA TRP A 158 14.21 -14.96 -1.65
C TRP A 158 12.76 -14.64 -1.29
N PHE A 159 11.83 -14.96 -2.19
CA PHE A 159 10.41 -14.78 -1.89
C PHE A 159 9.95 -15.72 -0.79
N ASP A 160 10.55 -16.92 -0.69
CA ASP A 160 10.20 -17.88 0.34
C ASP A 160 10.65 -17.44 1.74
N VAL A 161 11.82 -16.83 1.88
CA VAL A 161 12.38 -16.49 3.18
C VAL A 161 11.94 -15.11 3.64
N HIS A 162 11.58 -14.23 2.71
CA HIS A 162 11.11 -12.89 3.06
C HIS A 162 9.59 -12.83 3.04
N ASP A 163 9.03 -11.91 3.82
CA ASP A 163 7.60 -11.67 3.84
C ASP A 163 7.31 -10.65 2.74
N VAL A 164 6.99 -11.16 1.55
CA VAL A 164 6.83 -10.31 0.37
C VAL A 164 5.50 -9.57 0.34
N GLY A 165 4.62 -9.80 1.33
CA GLY A 165 3.38 -9.07 1.39
C GLY A 165 3.57 -7.60 1.71
N GLU A 166 4.69 -7.24 2.34
CA GLU A 166 4.96 -5.84 2.67
C GLU A 166 5.64 -5.13 1.51
N LEU A 167 6.02 -5.86 0.47
CA LEU A 167 6.75 -5.30 -0.66
C LEU A 167 5.93 -4.27 -1.41
N ASN A 168 4.63 -4.52 -1.58
CA ASN A 168 3.76 -3.55 -2.23
C ASN A 168 3.68 -2.26 -1.41
N THR A 169 3.63 -2.39 -0.08
CA THR A 169 3.63 -1.21 0.77
C THR A 169 4.94 -0.46 0.66
N ARG A 170 6.06 -1.19 0.58
CA ARG A 170 7.38 -0.53 0.41
C ARG A 170 7.35 0.27 -0.90
N LEU A 171 6.87 -0.36 -1.98
CA LEU A 171 6.79 0.32 -3.27
C LEU A 171 5.95 1.58 -3.18
N THR A 172 4.76 1.47 -2.59
CA THR A 172 3.81 2.57 -2.63
C THR A 172 4.22 3.72 -1.72
N ASP A 173 4.63 3.42 -0.48
CA ASP A 173 4.80 4.44 0.53
C ASP A 173 6.26 4.76 0.88
N ASP A 174 7.16 3.79 0.81
CA ASP A 174 8.56 4.07 1.14
C ASP A 174 9.29 4.81 0.03
N VAL A 175 8.97 4.52 -1.24
CA VAL A 175 9.52 5.31 -2.33
C VAL A 175 8.96 6.73 -2.27
N SER A 176 7.69 6.87 -1.86
CA SER A 176 7.11 8.19 -1.67
C SER A 176 7.81 8.99 -0.58
N LYS A 177 8.44 8.31 0.39
CA LYS A 177 9.27 8.97 1.38
C LYS A 177 10.57 9.52 0.79
N ILE A 178 11.20 8.76 -0.11
CA ILE A 178 12.35 9.29 -0.85
C ILE A 178 11.92 10.45 -1.73
N ASN A 179 10.69 10.39 -2.25
CA ASN A 179 10.20 11.47 -3.11
C ASN A 179 10.12 12.80 -2.35
N GLU A 180 9.67 12.75 -1.11
CA GLU A 180 9.54 13.96 -0.31
C GLU A 180 10.87 14.44 0.27
N GLY A 181 11.91 13.62 0.21
CA GLY A 181 13.19 13.99 0.81
C GLY A 181 14.25 14.44 -0.17
N ILE A 182 13.97 14.33 -1.47
CA ILE A 182 14.92 14.74 -2.49
C ILE A 182 14.27 15.73 -3.44
N GLY A 183 13.10 16.23 -3.07
CA GLY A 183 12.36 17.17 -3.88
C GLY A 183 12.75 18.61 -3.61
N ASP A 184 11.74 19.49 -3.65
CA ASP A 184 11.96 20.91 -3.42
C ASP A 184 12.40 21.22 -2.00
N LYS A 185 12.26 20.27 -1.07
CA LYS A 185 12.68 20.53 0.31
C LYS A 185 14.19 20.65 0.42
N ILE A 186 14.93 19.88 -0.38
CA ILE A 186 16.38 20.10 -0.46
C ILE A 186 16.70 21.45 -1.06
N GLY A 187 15.93 21.89 -2.06
CA GLY A 187 16.14 23.21 -2.61
C GLY A 187 15.92 24.31 -1.59
N MET A 188 14.91 24.14 -0.72
CA MET A 188 14.67 25.08 0.35
C MET A 188 15.66 24.93 1.51
N PHE A 189 16.46 23.86 1.53
CA PHE A 189 17.56 23.74 2.46
C PHE A 189 18.76 24.58 2.08
N PHE A 190 19.18 24.56 0.81
CA PHE A 190 20.23 25.45 0.33
C PHE A 190 19.84 26.92 0.42
N GLN A 191 18.55 27.23 0.27
CA GLN A 191 18.08 28.58 0.52
C GLN A 191 18.34 28.98 1.97
N ALA A 192 18.12 28.06 2.91
CA ALA A 192 18.38 28.34 4.32
C ALA A 192 19.87 28.57 4.57
N MET A 193 20.73 27.75 3.96
CA MET A 193 22.17 27.94 4.11
C MET A 193 22.64 29.25 3.51
N ALA A 194 22.13 29.63 2.34
CA ALA A 194 22.43 30.90 1.72
C ALA A 194 21.94 32.07 2.55
N THR A 195 20.76 31.96 3.15
CA THR A 195 20.26 32.95 4.09
C THR A 195 21.12 33.07 5.34
N PHE A 196 21.61 31.96 5.88
CA PHE A 196 22.50 32.01 7.04
C PHE A 196 23.83 32.67 6.70
N PHE A 197 24.43 32.29 5.57
CA PHE A 197 25.69 32.89 5.16
C PHE A 197 25.50 34.36 4.77
N GLY A 198 24.38 34.67 4.11
CA GLY A 198 24.06 36.05 3.84
C GLY A 198 23.87 36.85 5.11
N GLY A 199 23.27 36.25 6.12
CA GLY A 199 23.15 36.92 7.41
C GLY A 199 24.49 37.17 8.04
N PHE A 200 25.39 36.19 7.98
CA PHE A 200 26.77 36.41 8.42
C PHE A 200 27.37 37.62 7.74
N ILE A 201 27.30 37.67 6.40
CA ILE A 201 27.94 38.75 5.65
C ILE A 201 27.34 40.10 6.02
N ILE A 202 26.01 40.19 6.00
CA ILE A 202 25.34 41.46 6.29
C ILE A 202 25.60 41.91 7.72
N GLY A 203 25.49 40.99 8.68
CA GLY A 203 25.74 41.36 10.06
C GLY A 203 27.16 41.86 10.26
N PHE A 204 28.14 41.18 9.66
CA PHE A 204 29.53 41.59 9.83
C PHE A 204 29.79 42.94 9.16
N THR A 205 29.17 43.19 8.00
CA THR A 205 29.34 44.47 7.35
C THR A 205 28.70 45.60 8.14
N ARG A 206 27.54 45.35 8.74
CA ARG A 206 26.78 46.38 9.44
C ARG A 206 26.89 46.30 10.95
N GLY A 207 27.60 45.31 11.50
CA GLY A 207 27.71 45.19 12.93
C GLY A 207 28.89 44.35 13.39
N TRP A 208 29.55 44.78 14.47
CA TRP A 208 30.69 44.00 14.96
C TRP A 208 30.32 43.25 16.24
N LYS A 209 29.59 43.91 17.15
CA LYS A 209 29.23 43.34 18.45
C LYS A 209 27.86 42.68 18.46
N LEU A 210 26.84 43.35 17.93
CA LEU A 210 25.47 42.86 18.04
C LEU A 210 25.27 41.53 17.32
N THR A 211 26.17 41.17 16.39
CA THR A 211 26.04 39.88 15.73
C THR A 211 26.27 38.73 16.69
N LEU A 212 27.46 38.66 17.31
CA LEU A 212 27.80 37.52 18.16
C LEU A 212 26.85 37.39 19.34
N VAL A 213 26.18 38.48 19.71
CA VAL A 213 25.16 38.41 20.75
C VAL A 213 24.01 37.53 20.29
N ILE A 214 23.59 37.67 19.02
CA ILE A 214 22.44 36.93 18.50
C ILE A 214 22.90 35.60 17.92
N LEU A 215 24.22 35.42 17.80
CA LEU A 215 24.78 34.12 17.46
C LEU A 215 24.96 33.20 18.65
N ALA A 216 24.60 33.64 19.85
CA ALA A 216 24.70 32.77 21.02
C ALA A 216 23.76 31.59 20.91
N ILE A 217 22.57 31.79 20.36
CA ILE A 217 21.57 30.72 20.29
C ILE A 217 21.68 29.95 18.98
N SER A 218 22.53 30.40 18.05
CA SER A 218 22.67 29.70 16.79
C SER A 218 23.23 28.29 16.94
N PRO A 219 24.31 28.04 17.69
CA PRO A 219 24.74 26.64 17.89
C PRO A 219 23.69 25.80 18.59
N VAL A 220 22.93 26.39 19.51
CA VAL A 220 21.86 25.65 20.20
C VAL A 220 20.81 25.20 19.20
N LEU A 221 20.39 26.12 18.33
CA LEU A 221 19.42 25.76 17.29
C LEU A 221 19.99 24.74 16.33
N GLY A 222 21.27 24.86 15.99
CA GLY A 222 21.89 23.91 15.07
C GLY A 222 21.97 22.51 15.62
N LEU A 223 22.29 22.38 16.91
CA LEU A 223 22.32 21.06 17.53
C LEU A 223 20.92 20.49 17.75
N SER A 224 19.95 21.34 18.10
CA SER A 224 18.57 20.88 18.17
C SER A 224 18.10 20.36 16.81
N ALA A 225 18.49 21.05 15.74
CA ALA A 225 18.18 20.56 14.39
C ALA A 225 18.55 19.09 14.24
N GLY A 226 19.84 18.77 14.44
CA GLY A 226 20.29 17.40 14.25
C GLY A 226 19.64 16.42 15.20
N ILE A 227 19.54 16.79 16.49
CA ILE A 227 19.02 15.86 17.48
C ILE A 227 17.57 15.50 17.18
N TRP A 228 16.72 16.53 16.98
CA TRP A 228 15.31 16.25 16.75
C TRP A 228 15.08 15.65 15.37
N ALA A 229 15.93 15.98 14.39
CA ALA A 229 15.83 15.34 13.08
C ALA A 229 16.11 13.85 13.17
N LYS A 230 17.15 13.47 13.92
CA LYS A 230 17.45 12.06 14.11
C LYS A 230 16.32 11.35 14.83
N ILE A 231 15.78 11.97 15.89
CA ILE A 231 14.68 11.36 16.63
C ILE A 231 13.47 11.16 15.72
N LEU A 232 13.13 12.19 14.94
CA LEU A 232 11.96 12.10 14.07
C LEU A 232 12.17 11.10 12.95
N SER A 233 13.39 10.99 12.43
CA SER A 233 13.68 9.98 11.42
C SER A 233 13.55 8.56 11.98
N SER A 234 14.05 8.32 13.19
CA SER A 234 13.87 7.01 13.82
C SER A 234 12.39 6.69 14.01
N PHE A 235 11.62 7.67 14.49
CA PHE A 235 10.20 7.45 14.69
C PHE A 235 9.48 7.24 13.35
N THR A 236 9.94 7.93 12.30
CA THR A 236 9.38 7.71 10.96
C THR A 236 9.62 6.29 10.51
N ASP A 237 10.84 5.77 10.72
CA ASP A 237 11.13 4.39 10.34
C ASP A 237 10.25 3.42 11.11
N LYS A 238 10.09 3.64 12.42
CA LYS A 238 9.24 2.75 13.22
C LYS A 238 7.79 2.79 12.75
N GLU A 239 7.26 3.98 12.48
CA GLU A 239 5.87 4.10 12.04
C GLU A 239 5.68 3.50 10.67
N LEU A 240 6.68 3.64 9.79
CA LEU A 240 6.59 3.02 8.47
C LEU A 240 6.59 1.50 8.57
N HIS A 241 7.42 0.94 9.46
CA HIS A 241 7.38 -0.49 9.69
C HIS A 241 6.03 -0.95 10.23
N ALA A 242 5.46 -0.19 11.16
CA ALA A 242 4.14 -0.51 11.72
C ALA A 242 3.03 -0.43 10.68
N TYR A 243 3.03 0.56 9.80
CA TYR A 243 2.12 0.60 8.66
C TYR A 243 2.33 -0.53 7.67
N ALA A 244 3.58 -0.92 7.42
CA ALA A 244 3.83 -2.07 6.54
C ALA A 244 3.25 -3.34 7.13
N LYS A 245 3.38 -3.51 8.46
CA LYS A 245 2.78 -4.68 9.10
C LYS A 245 1.26 -4.68 8.95
N ALA A 246 0.62 -3.52 9.15
CA ALA A 246 -0.83 -3.43 8.99
C ALA A 246 -1.25 -3.71 7.55
N GLY A 247 -0.49 -3.19 6.59
CA GLY A 247 -0.79 -3.46 5.19
C GLY A 247 -0.64 -4.93 4.83
N ALA A 248 0.40 -5.58 5.36
CA ALA A 248 0.54 -7.02 5.12
C ALA A 248 -0.61 -7.80 5.74
N VAL A 249 -1.04 -7.41 6.94
CA VAL A 249 -2.18 -8.09 7.57
C VAL A 249 -3.43 -7.91 6.72
N ALA A 250 -3.68 -6.68 6.26
CA ALA A 250 -4.86 -6.41 5.45
C ALA A 250 -4.83 -7.20 4.14
N GLU A 251 -3.67 -7.24 3.48
CA GLU A 251 -3.56 -8.00 2.24
C GLU A 251 -3.73 -9.49 2.47
N GLU A 252 -3.24 -10.01 3.60
CA GLU A 252 -3.44 -11.42 3.91
C GLU A 252 -4.91 -11.73 4.16
N VAL A 253 -5.61 -10.85 4.86
CA VAL A 253 -7.01 -11.10 5.17
C VAL A 253 -7.87 -11.01 3.91
N LEU A 254 -7.68 -9.95 3.11
CA LEU A 254 -8.55 -9.71 1.97
C LEU A 254 -8.28 -10.64 0.79
N ALA A 255 -7.12 -11.27 0.73
CA ALA A 255 -6.83 -12.23 -0.32
C ALA A 255 -7.43 -13.60 -0.07
N ALA A 256 -7.88 -13.87 1.15
CA ALA A 256 -8.52 -15.13 1.50
C ALA A 256 -9.83 -14.83 2.22
N ILE A 257 -10.60 -13.90 1.65
CA ILE A 257 -11.80 -13.38 2.29
C ILE A 257 -12.92 -14.43 2.35
N ARG A 258 -12.94 -15.38 1.41
CA ARG A 258 -13.90 -16.47 1.47
C ARG A 258 -13.70 -17.36 2.68
N THR A 259 -12.47 -17.75 3.00
CA THR A 259 -12.17 -18.51 4.19
C THR A 259 -12.39 -17.73 5.48
N VAL A 260 -12.04 -16.45 5.49
CA VAL A 260 -12.28 -15.60 6.66
C VAL A 260 -13.77 -15.52 6.95
N ILE A 261 -14.58 -15.32 5.90
CA ILE A 261 -16.02 -15.22 6.08
C ILE A 261 -16.62 -16.56 6.47
N ALA A 262 -16.13 -17.65 5.86
CA ALA A 262 -16.69 -18.97 6.12
C ALA A 262 -16.50 -19.39 7.57
N PHE A 263 -15.33 -19.10 8.14
CA PHE A 263 -15.04 -19.48 9.52
C PHE A 263 -15.34 -18.37 10.52
N GLY A 264 -15.92 -17.26 10.07
CA GLY A 264 -16.30 -16.19 10.97
C GLY A 264 -15.12 -15.55 11.67
N GLY A 265 -14.05 -15.31 10.94
CA GLY A 265 -12.85 -14.74 11.52
C GLY A 265 -12.78 -13.23 11.44
N GLN A 266 -13.92 -12.58 11.23
CA GLN A 266 -13.92 -11.13 11.06
C GLN A 266 -13.38 -10.41 12.30
N LYS A 267 -13.79 -10.85 13.49
CA LYS A 267 -13.34 -10.20 14.72
C LYS A 267 -11.84 -10.36 14.92
N LYS A 268 -11.30 -11.57 14.70
CA LYS A 268 -9.90 -11.80 14.98
C LYS A 268 -8.99 -11.05 14.02
N GLU A 269 -9.31 -11.06 12.71
CA GLU A 269 -8.53 -10.28 11.77
C GLU A 269 -8.66 -8.79 12.00
N LEU A 270 -9.84 -8.32 12.41
CA LEU A 270 -10.00 -6.92 12.77
C LEU A 270 -9.10 -6.56 13.95
N GLU A 271 -9.03 -7.43 14.96
CA GLU A 271 -8.15 -7.15 16.10
C GLU A 271 -6.69 -7.23 15.71
N ARG A 272 -6.32 -8.12 14.80
CA ARG A 272 -4.95 -8.18 14.31
C ARG A 272 -4.57 -6.89 13.59
N TYR A 273 -5.49 -6.36 12.79
CA TYR A 273 -5.26 -5.06 12.16
C TYR A 273 -5.19 -3.95 13.20
N ASN A 274 -6.06 -4.01 14.22
CA ASN A 274 -6.11 -2.98 15.24
C ASN A 274 -4.83 -2.93 16.06
N ASN A 275 -4.19 -4.08 16.28
CA ASN A 275 -2.93 -4.10 17.02
C ASN A 275 -1.87 -3.26 16.31
N ASN A 276 -1.73 -3.45 15.00
CA ASN A 276 -0.80 -2.63 14.24
C ASN A 276 -1.25 -1.17 14.18
N LEU A 277 -2.56 -0.94 14.09
CA LEU A 277 -3.07 0.43 14.11
C LEU A 277 -2.72 1.17 15.39
N GLU A 278 -2.79 0.50 16.55
CA GLU A 278 -2.32 1.10 17.79
C GLU A 278 -0.81 1.23 17.87
N GLU A 279 -0.07 0.23 17.36
CA GLU A 279 1.38 0.28 17.44
C GLU A 279 1.96 1.41 16.59
N ALA A 280 1.15 1.87 15.63
CA ALA A 280 1.55 3.05 14.83
C ALA A 280 0.94 4.33 15.41
N LYS A 281 -0.23 4.22 16.07
CA LYS A 281 -0.92 5.41 16.65
C LYS A 281 -0.09 5.95 17.82
N ARG A 282 0.25 5.10 18.80
CA ARG A 282 1.16 5.50 19.87
C ARG A 282 2.38 6.23 19.31
N LEU A 283 3.01 5.65 18.28
CA LEU A 283 4.19 6.26 17.67
C LEU A 283 3.81 7.51 16.91
N GLY A 284 2.51 7.69 16.64
CA GLY A 284 2.04 8.88 15.98
C GLY A 284 1.81 10.01 16.95
N ILE A 285 1.24 9.70 18.11
CA ILE A 285 1.06 10.71 19.15
C ILE A 285 2.42 11.15 19.70
N LYS A 286 3.33 10.21 19.88
CA LYS A 286 4.68 10.57 20.30
C LYS A 286 5.36 11.45 19.26
N LYS A 287 5.21 11.09 17.98
CA LYS A 287 5.74 11.92 16.90
C LYS A 287 5.15 13.33 16.96
N ALA A 288 3.84 13.42 17.18
CA ALA A 288 3.18 14.72 17.20
C ALA A 288 3.67 15.58 18.36
N ILE A 289 3.81 14.98 19.54
CA ILE A 289 4.25 15.77 20.69
C ILE A 289 5.70 16.22 20.50
N THR A 290 6.56 15.34 19.98
CA THR A 290 7.95 15.73 19.74
C THR A 290 8.04 16.84 18.70
N ALA A 291 7.29 16.72 17.60
CA ALA A 291 7.28 17.74 16.57
C ALA A 291 6.72 19.08 17.04
N ASN A 292 5.66 19.07 17.86
CA ASN A 292 5.04 20.30 18.32
C ASN A 292 5.76 20.89 19.53
N ILE A 293 6.66 20.15 20.18
CA ILE A 293 7.51 20.74 21.19
C ILE A 293 8.83 21.24 20.63
N SER A 294 9.38 20.61 19.57
CA SER A 294 10.55 21.19 18.91
C SER A 294 10.20 22.54 18.28
N MET A 295 9.06 22.62 17.61
CA MET A 295 8.64 23.87 17.01
C MET A 295 8.31 24.91 18.08
N GLY A 296 7.74 24.45 19.20
CA GLY A 296 7.51 25.36 20.31
C GLY A 296 8.80 25.92 20.89
N ALA A 297 9.83 25.09 21.01
CA ALA A 297 11.14 25.58 21.40
C ALA A 297 11.67 26.57 20.37
N ALA A 298 11.36 26.34 19.09
CA ALA A 298 11.74 27.30 18.06
C ALA A 298 11.09 28.66 18.30
N PHE A 299 9.79 28.68 18.62
CA PHE A 299 9.14 29.94 18.96
C PHE A 299 9.76 30.57 20.21
N LEU A 300 10.06 29.75 21.21
CA LEU A 300 10.66 30.28 22.44
C LEU A 300 12.01 30.94 22.13
N LEU A 301 12.81 30.31 21.28
CA LEU A 301 14.09 30.89 20.91
C LEU A 301 13.92 32.14 20.04
N ILE A 302 12.88 32.18 19.20
CA ILE A 302 12.60 33.38 18.43
C ILE A 302 12.32 34.55 19.38
N TYR A 303 11.44 34.34 20.35
CA TYR A 303 11.12 35.41 21.29
C TYR A 303 12.30 35.76 22.19
N ALA A 304 13.09 34.77 22.61
CA ALA A 304 14.30 35.06 23.39
C ALA A 304 15.30 35.87 22.59
N SER A 305 15.46 35.55 21.30
CA SER A 305 16.34 36.34 20.45
C SER A 305 15.83 37.77 20.30
N TYR A 306 14.52 37.93 20.12
CA TYR A 306 13.96 39.28 20.05
C TYR A 306 14.23 40.06 21.33
N ALA A 307 14.00 39.43 22.49
CA ALA A 307 14.19 40.12 23.77
C ALA A 307 15.68 40.44 24.00
N LEU A 308 16.57 39.53 23.62
CA LEU A 308 17.99 39.73 23.88
C LEU A 308 18.64 40.62 22.83
N ALA A 309 17.93 40.86 21.72
CA ALA A 309 18.45 41.76 20.71
C ALA A 309 17.94 43.18 20.92
N PHE A 310 16.69 43.33 21.33
CA PHE A 310 16.22 44.67 21.70
C PHE A 310 16.76 45.08 23.06
N TRP A 311 17.19 44.12 23.88
CA TRP A 311 18.14 44.41 24.93
C TRP A 311 19.53 44.47 24.30
N TYR A 312 20.40 45.28 24.88
CA TYR A 312 21.55 45.89 24.21
C TYR A 312 21.12 46.88 23.14
N GLY A 313 19.84 47.26 23.12
CA GLY A 313 19.36 48.31 22.24
C GLY A 313 19.69 49.66 22.83
N THR A 314 20.30 49.64 24.01
CA THR A 314 20.87 50.84 24.62
C THR A 314 22.00 51.44 23.78
N SER A 315 22.55 50.67 22.85
CA SER A 315 23.52 51.22 21.91
C SER A 315 22.90 52.32 21.05
N LEU A 316 21.57 52.34 20.97
CA LEU A 316 20.90 53.45 20.31
C LEU A 316 20.86 54.69 21.21
N VAL A 317 20.75 54.49 22.52
CA VAL A 317 20.76 55.61 23.45
C VAL A 317 22.10 56.33 23.39
N ILE A 318 23.20 55.59 23.39
CA ILE A 318 24.51 56.19 23.23
C ILE A 318 24.75 56.49 21.75
N SER A 319 25.20 57.71 21.48
CA SER A 319 25.20 58.23 20.11
C SER A 319 26.21 57.50 19.22
N LYS A 320 25.79 57.20 18.00
CA LYS A 320 26.61 56.77 16.87
C LYS A 320 27.18 55.36 17.04
N GLU A 321 26.96 54.70 18.18
CA GLU A 321 27.39 53.32 18.30
C GLU A 321 26.60 52.42 17.36
N TYR A 322 25.29 52.63 17.26
CA TYR A 322 24.46 51.94 16.30
C TYR A 322 23.30 52.85 15.92
N SER A 323 22.73 52.58 14.74
CA SER A 323 21.56 53.28 14.26
C SER A 323 20.34 52.37 14.39
N ILE A 324 19.17 53.00 14.54
CA ILE A 324 17.93 52.24 14.68
C ILE A 324 17.74 51.31 13.49
N GLY A 325 17.87 51.84 12.28
CA GLY A 325 17.82 50.99 11.10
C GLY A 325 18.94 49.97 11.07
N GLN A 326 20.12 50.37 11.56
CA GLN A 326 21.24 49.43 11.61
C GLN A 326 20.95 48.27 12.55
N VAL A 327 20.39 48.57 13.73
CA VAL A 327 20.05 47.51 14.68
C VAL A 327 19.00 46.59 14.08
N LEU A 328 17.95 47.15 13.49
CA LEU A 328 16.93 46.30 12.88
C LEU A 328 17.50 45.43 11.76
N THR A 329 18.32 46.00 10.87
CA THR A 329 18.82 45.22 9.75
C THR A 329 19.74 44.11 10.23
N VAL A 330 20.64 44.39 11.18
CA VAL A 330 21.55 43.36 11.66
C VAL A 330 20.79 42.27 12.40
N PHE A 331 19.84 42.66 13.26
CA PHE A 331 19.09 41.69 14.03
C PHE A 331 18.24 40.81 13.14
N PHE A 332 17.53 41.42 12.19
CA PHE A 332 16.71 40.64 11.27
C PHE A 332 17.55 39.71 10.42
N SER A 333 18.68 40.19 9.91
CA SER A 333 19.53 39.34 9.07
C SER A 333 20.01 38.12 9.85
N VAL A 334 20.58 38.35 11.04
CA VAL A 334 21.04 37.24 11.86
C VAL A 334 19.92 36.30 12.26
N CYS A 335 18.76 36.82 12.68
CA CYS A 335 17.64 36.01 13.11
C CYS A 335 17.06 35.18 11.98
N ILE A 336 16.90 35.76 10.79
CA ILE A 336 16.34 35.00 9.68
C ILE A 336 17.31 33.92 9.25
N GLY A 337 18.62 34.21 9.24
CA GLY A 337 19.58 33.17 8.92
C GLY A 337 19.54 32.01 9.92
N ALA A 338 19.61 32.34 11.21
CA ALA A 338 19.64 31.29 12.23
C ALA A 338 18.36 30.48 12.24
N PHE A 339 17.20 31.14 12.15
CA PHE A 339 15.95 30.40 12.25
C PHE A 339 15.48 29.89 10.90
N SER A 340 16.21 30.19 9.82
CA SER A 340 16.02 29.46 8.59
C SER A 340 16.83 28.18 8.59
N VAL A 341 18.01 28.21 9.22
CA VAL A 341 18.71 26.96 9.50
C VAL A 341 17.87 26.08 10.43
N GLY A 342 17.28 26.70 11.46
CA GLY A 342 16.41 25.95 12.36
C GLY A 342 15.12 25.50 11.70
N GLN A 343 14.55 26.33 10.84
CA GLN A 343 13.31 25.97 10.14
C GLN A 343 13.56 24.95 9.05
N ALA A 344 14.79 24.88 8.54
CA ALA A 344 15.15 23.83 7.60
C ALA A 344 15.27 22.46 8.25
N SER A 345 15.15 22.38 9.57
CA SER A 345 15.25 21.11 10.28
C SER A 345 14.19 20.14 9.78
N PRO A 346 12.91 20.55 9.64
CA PRO A 346 11.96 19.67 8.96
C PRO A 346 12.41 19.29 7.56
N ASN A 347 13.02 20.21 6.81
CA ASN A 347 13.59 19.86 5.52
C ASN A 347 14.75 18.89 5.64
N ILE A 348 15.62 19.06 6.65
CA ILE A 348 16.57 18.01 7.00
C ILE A 348 15.89 16.78 7.57
N GLU A 349 14.84 16.95 8.39
CA GLU A 349 14.04 15.83 8.85
C GLU A 349 13.38 15.09 7.69
N ALA A 350 12.81 15.82 6.73
CA ALA A 350 12.29 15.19 5.53
C ALA A 350 13.40 14.49 4.75
N PHE A 351 14.57 15.14 4.65
CA PHE A 351 15.73 14.44 4.15
C PHE A 351 16.11 13.28 5.07
N ALA A 352 16.03 13.50 6.40
CA ALA A 352 16.28 12.41 7.33
C ALA A 352 15.21 11.34 7.25
N ASN A 353 13.95 11.73 6.97
CA ASN A 353 12.91 10.73 6.73
C ASN A 353 13.20 9.90 5.50
N ALA A 354 13.64 10.54 4.41
CA ALA A 354 14.03 9.80 3.21
C ALA A 354 15.20 8.88 3.50
N ARG A 355 16.17 9.34 4.28
CA ARG A 355 17.26 8.48 4.72
C ARG A 355 16.72 7.30 5.53
N GLY A 356 15.68 7.53 6.34
CA GLY A 356 15.14 6.46 7.16
C GLY A 356 14.56 5.33 6.34
N ALA A 357 13.83 5.66 5.27
CA ALA A 357 13.32 4.65 4.34
C ALA A 357 13.87 4.97 2.95
N ALA A 358 15.12 4.58 2.72
CA ALA A 358 15.68 4.47 1.39
C ALA A 358 16.62 3.27 1.37
N TYR A 359 16.69 2.56 2.50
CA TYR A 359 17.65 1.47 2.61
C TYR A 359 17.07 0.18 2.04
N GLU A 360 15.90 -0.25 2.52
CA GLU A 360 15.26 -1.42 1.95
C GLU A 360 14.99 -1.23 0.46
N VAL A 361 14.48 -0.05 0.08
CA VAL A 361 14.30 0.28 -1.32
C VAL A 361 15.58 0.20 -2.11
N PHE A 362 16.73 0.44 -1.49
CA PHE A 362 18.02 0.25 -2.13
C PHE A 362 18.71 -1.06 -1.76
N LYS A 363 18.40 -1.66 -0.62
CA LYS A 363 18.95 -2.98 -0.29
C LYS A 363 18.46 -4.03 -1.27
N ILE A 364 17.18 -3.95 -1.65
CA ILE A 364 16.63 -4.94 -2.58
C ILE A 364 17.23 -4.78 -3.97
N ILE A 365 17.45 -3.53 -4.41
CA ILE A 365 18.10 -3.31 -5.69
C ILE A 365 19.55 -3.76 -5.66
N ASP A 366 20.24 -3.48 -4.54
CA ASP A 366 21.65 -3.87 -4.43
C ASP A 366 21.81 -5.39 -4.39
N ASN A 367 20.85 -6.10 -3.80
CA ASN A 367 20.91 -7.55 -3.75
C ASN A 367 20.86 -8.13 -5.16
N LYS A 368 21.80 -9.03 -5.46
CA LYS A 368 21.87 -9.64 -6.78
C LYS A 368 21.67 -11.15 -6.64
N PRO A 369 20.62 -11.71 -7.22
CA PRO A 369 20.39 -13.15 -7.10
C PRO A 369 21.40 -13.97 -7.88
N SER A 370 21.64 -15.19 -7.40
CA SER A 370 22.52 -16.11 -8.10
C SER A 370 21.83 -16.69 -9.33
N ILE A 371 20.54 -17.01 -9.22
CA ILE A 371 19.73 -17.47 -10.34
C ILE A 371 19.09 -16.24 -10.96
N ASP A 372 19.80 -15.62 -11.91
CA ASP A 372 19.35 -14.39 -12.53
C ASP A 372 18.64 -14.72 -13.84
N SER A 373 17.32 -14.55 -13.86
CA SER A 373 16.55 -14.78 -15.07
C SER A 373 16.81 -13.72 -16.14
N PHE A 374 17.04 -12.47 -15.75
CA PHE A 374 17.29 -11.39 -16.68
C PHE A 374 18.71 -11.40 -17.23
N SER A 375 19.60 -12.20 -16.66
CA SER A 375 20.98 -12.23 -17.11
C SER A 375 21.07 -12.80 -18.53
N LYS A 376 21.80 -12.09 -19.38
CA LYS A 376 21.97 -12.50 -20.77
C LYS A 376 22.96 -13.63 -20.94
N SER A 377 23.94 -13.77 -20.04
CA SER A 377 24.95 -14.80 -20.14
C SER A 377 24.33 -16.19 -19.99
N GLY A 378 24.92 -17.15 -20.70
CA GLY A 378 24.44 -18.52 -20.64
C GLY A 378 24.22 -19.14 -22.01
N HIS A 379 24.44 -20.44 -22.12
CA HIS A 379 24.29 -21.14 -23.39
C HIS A 379 22.82 -21.20 -23.81
N LYS A 380 22.58 -21.13 -25.11
CA LYS A 380 21.26 -21.29 -25.70
C LYS A 380 21.36 -22.28 -26.84
N PRO A 381 21.27 -23.57 -26.55
CA PRO A 381 21.45 -24.59 -27.60
C PRO A 381 20.39 -24.47 -28.69
N ASP A 382 20.81 -24.72 -29.94
CA ASP A 382 19.90 -24.60 -31.07
C ASP A 382 19.02 -25.83 -31.20
N ASN A 383 19.62 -27.02 -31.16
CA ASN A 383 18.89 -28.28 -31.24
C ASN A 383 18.99 -28.97 -29.89
N ILE A 384 17.84 -29.29 -29.30
CA ILE A 384 17.77 -29.88 -27.96
C ILE A 384 16.96 -31.17 -28.08
N GLN A 385 17.45 -32.23 -27.45
CA GLN A 385 16.70 -33.48 -27.36
C GLN A 385 16.13 -33.64 -25.96
N GLY A 386 14.97 -34.31 -25.88
CA GLY A 386 14.29 -34.47 -24.62
C GLY A 386 14.93 -35.47 -23.68
N ASN A 387 16.20 -35.27 -23.37
CA ASN A 387 16.95 -36.12 -22.45
C ASN A 387 17.16 -35.37 -21.15
N LEU A 388 16.58 -35.88 -20.07
CA LEU A 388 16.67 -35.26 -18.76
C LEU A 388 17.38 -36.20 -17.79
N GLU A 389 18.35 -35.67 -17.06
CA GLU A 389 19.14 -36.45 -16.12
C GLU A 389 19.15 -35.80 -14.75
N PHE A 390 18.79 -36.58 -13.74
CA PHE A 390 18.94 -36.21 -12.34
C PHE A 390 19.91 -37.20 -11.70
N LYS A 391 21.09 -36.74 -11.34
CA LYS A 391 22.16 -37.58 -10.82
C LYS A 391 22.51 -37.12 -9.42
N ASN A 392 22.29 -37.98 -8.43
CA ASN A 392 22.64 -37.73 -7.04
C ASN A 392 22.11 -36.39 -6.54
N ILE A 393 20.82 -36.12 -6.81
CA ILE A 393 20.20 -34.85 -6.45
C ILE A 393 19.97 -34.81 -4.95
N HIS A 394 20.51 -33.79 -4.29
CA HIS A 394 20.23 -33.49 -2.90
C HIS A 394 19.71 -32.06 -2.81
N PHE A 395 18.54 -31.88 -2.20
CA PHE A 395 17.94 -30.56 -2.10
C PHE A 395 17.27 -30.36 -0.75
N SER A 396 17.34 -29.14 -0.24
CA SER A 396 16.62 -28.72 0.95
C SER A 396 16.17 -27.28 0.76
N TYR A 397 14.89 -27.02 1.02
CA TYR A 397 14.33 -25.70 0.79
C TYR A 397 14.95 -24.68 1.76
N PRO A 398 15.20 -23.45 1.30
CA PRO A 398 15.84 -22.47 2.19
C PRO A 398 15.04 -22.15 3.44
N SER A 399 13.71 -22.13 3.34
CA SER A 399 12.90 -21.78 4.51
C SER A 399 12.97 -22.85 5.59
N ARG A 400 13.11 -24.11 5.20
CA ARG A 400 13.29 -25.23 6.14
C ARG A 400 14.51 -26.00 5.67
N LYS A 401 15.68 -25.55 6.09
CA LYS A 401 16.95 -26.08 5.61
C LYS A 401 17.47 -27.27 6.40
N GLU A 402 16.81 -27.61 7.51
CA GLU A 402 17.20 -28.76 8.32
C GLU A 402 16.53 -30.04 7.88
N VAL A 403 15.69 -29.99 6.84
CA VAL A 403 14.97 -31.15 6.33
C VAL A 403 15.45 -31.44 4.92
N GLN A 404 15.85 -32.69 4.68
CA GLN A 404 16.35 -33.14 3.39
C GLN A 404 15.18 -33.69 2.58
N ILE A 405 14.68 -32.88 1.63
CA ILE A 405 13.55 -33.31 0.81
C ILE A 405 13.98 -34.42 -0.14
N LEU A 406 15.13 -34.24 -0.80
CA LEU A 406 15.66 -35.22 -1.74
C LEU A 406 17.04 -35.65 -1.25
N LYS A 407 17.26 -36.97 -1.16
CA LYS A 407 18.52 -37.54 -0.69
C LYS A 407 19.01 -38.52 -1.75
N GLY A 408 19.74 -38.02 -2.74
CA GLY A 408 20.24 -38.86 -3.80
C GLY A 408 19.17 -39.28 -4.78
N LEU A 409 18.60 -38.32 -5.49
CA LEU A 409 17.55 -38.56 -6.47
C LEU A 409 18.19 -38.84 -7.82
N ASN A 410 17.86 -39.98 -8.42
CA ASN A 410 18.35 -40.37 -9.74
C ASN A 410 17.15 -40.61 -10.65
N LEU A 411 17.15 -39.97 -11.82
CA LEU A 411 16.07 -40.09 -12.77
C LEU A 411 16.58 -39.91 -14.18
N LYS A 412 16.10 -40.76 -15.09
CA LYS A 412 16.47 -40.71 -16.51
C LYS A 412 15.21 -40.57 -17.35
N VAL A 413 15.19 -39.57 -18.22
CA VAL A 413 14.05 -39.32 -19.11
C VAL A 413 14.57 -39.27 -20.54
N LYS A 414 14.10 -40.20 -21.36
CA LYS A 414 14.54 -40.27 -22.76
C LYS A 414 13.64 -39.39 -23.64
N SER A 415 14.12 -39.13 -24.85
CA SER A 415 13.37 -38.32 -25.80
C SER A 415 12.12 -39.04 -26.26
N GLY A 416 11.03 -38.28 -26.37
CA GLY A 416 9.75 -38.85 -26.78
C GLY A 416 9.23 -39.89 -25.82
N GLN A 417 9.35 -39.65 -24.53
CA GLN A 417 8.95 -40.61 -23.50
C GLN A 417 8.07 -39.92 -22.47
N THR A 418 7.23 -40.72 -21.81
CA THR A 418 6.37 -40.25 -20.74
C THR A 418 6.78 -40.96 -19.46
N VAL A 419 7.14 -40.18 -18.43
CA VAL A 419 7.51 -40.69 -17.12
C VAL A 419 6.51 -40.17 -16.10
N ALA A 420 5.98 -41.08 -15.28
CA ALA A 420 4.98 -40.76 -14.28
C ALA A 420 5.60 -40.93 -12.90
N LEU A 421 5.64 -39.84 -12.13
CA LEU A 421 6.16 -39.87 -10.77
C LEU A 421 5.00 -40.13 -9.81
N VAL A 422 5.08 -41.25 -9.08
CA VAL A 422 4.07 -41.61 -8.10
C VAL A 422 4.75 -41.76 -6.74
N GLY A 423 3.95 -41.68 -5.70
CA GLY A 423 4.47 -41.84 -4.34
C GLY A 423 3.54 -41.20 -3.34
N ASN A 424 3.97 -41.24 -2.08
CA ASN A 424 3.21 -40.65 -1.00
C ASN A 424 3.29 -39.13 -1.06
N SER A 425 2.34 -38.48 -0.39
CA SER A 425 2.34 -37.02 -0.32
C SER A 425 3.55 -36.52 0.43
N GLY A 426 4.17 -35.46 -0.10
CA GLY A 426 5.38 -34.91 0.48
C GLY A 426 6.66 -35.59 0.06
N GLY A 427 6.60 -36.52 -0.90
CA GLY A 427 7.81 -37.21 -1.33
C GLY A 427 8.84 -36.32 -1.99
N GLY A 428 8.38 -35.32 -2.73
CA GLY A 428 9.29 -34.42 -3.42
C GLY A 428 9.10 -34.41 -4.93
N LYS A 429 7.93 -34.85 -5.38
CA LYS A 429 7.63 -34.82 -6.81
C LYS A 429 7.51 -33.39 -7.33
N SER A 430 6.73 -32.57 -6.65
CA SER A 430 6.68 -31.15 -6.99
C SER A 430 8.04 -30.49 -6.80
N THR A 431 8.83 -30.99 -5.85
CA THR A 431 10.20 -30.51 -5.71
C THR A 431 11.02 -30.84 -6.95
N THR A 432 10.85 -32.04 -7.51
CA THR A 432 11.53 -32.38 -8.75
C THR A 432 11.09 -31.48 -9.89
N VAL A 433 9.79 -31.19 -9.98
CA VAL A 433 9.31 -30.28 -11.02
C VAL A 433 9.93 -28.90 -10.86
N GLN A 434 9.96 -28.38 -9.63
CA GLN A 434 10.56 -27.07 -9.38
C GLN A 434 12.05 -27.05 -9.68
N LEU A 435 12.79 -28.11 -9.36
CA LEU A 435 14.20 -28.19 -9.70
C LEU A 435 14.42 -28.30 -11.20
N MET A 436 13.46 -28.87 -11.93
CA MET A 436 13.59 -28.98 -13.38
C MET A 436 13.59 -27.60 -14.04
N GLN A 437 12.84 -26.64 -13.49
CA GLN A 437 12.75 -25.29 -14.02
C GLN A 437 13.87 -24.39 -13.53
N ARG A 438 14.78 -24.94 -12.72
CA ARG A 438 15.85 -24.17 -12.09
C ARG A 438 15.28 -23.03 -11.25
N LEU A 439 14.17 -23.32 -10.57
CA LEU A 439 13.66 -22.41 -9.55
C LEU A 439 14.59 -22.36 -8.36
N TYR A 440 15.19 -23.50 -8.01
CA TYR A 440 16.16 -23.62 -6.94
C TYR A 440 17.42 -24.30 -7.46
N ASP A 441 18.54 -24.00 -6.82
CA ASP A 441 19.78 -24.72 -7.10
C ASP A 441 19.91 -25.89 -6.14
N PRO A 442 20.06 -27.11 -6.64
CA PRO A 442 20.26 -28.26 -5.73
C PRO A 442 21.51 -28.08 -4.89
N LEU A 443 21.42 -28.51 -3.63
CA LEU A 443 22.55 -28.40 -2.72
C LEU A 443 23.75 -29.21 -3.20
N ASP A 444 23.52 -30.40 -3.73
CA ASP A 444 24.59 -31.20 -4.32
C ASP A 444 23.98 -32.21 -5.29
N GLY A 445 24.31 -32.10 -6.57
CA GLY A 445 23.74 -32.98 -7.57
C GLY A 445 23.87 -32.45 -8.99
N MET A 446 23.33 -33.19 -9.95
CA MET A 446 23.46 -32.86 -11.36
C MET A 446 22.09 -32.93 -12.02
N VAL A 447 21.53 -31.77 -12.35
CA VAL A 447 20.33 -31.69 -13.18
C VAL A 447 20.77 -31.22 -14.55
N SER A 448 20.59 -32.07 -15.57
CA SER A 448 21.15 -31.80 -16.88
C SER A 448 20.16 -32.15 -17.98
N ILE A 449 20.28 -31.44 -19.10
CA ILE A 449 19.53 -31.71 -20.32
C ILE A 449 20.53 -31.97 -21.43
N ASP A 450 20.40 -33.12 -22.09
CA ASP A 450 21.29 -33.53 -23.17
C ASP A 450 22.75 -33.51 -22.71
N GLY A 451 22.96 -33.92 -21.46
CA GLY A 451 24.30 -33.95 -20.90
C GLY A 451 24.96 -32.60 -20.80
N GLN A 452 24.20 -31.56 -20.43
CA GLN A 452 24.73 -30.22 -20.28
C GLN A 452 24.20 -29.61 -19.01
N ASP A 453 25.05 -28.86 -18.31
CA ASP A 453 24.63 -28.17 -17.09
C ASP A 453 23.52 -27.18 -17.39
N ILE A 454 22.40 -27.31 -16.68
CA ILE A 454 21.36 -26.28 -16.74
C ILE A 454 21.79 -25.02 -16.03
N ARG A 455 22.83 -25.08 -15.20
CA ARG A 455 23.41 -23.88 -14.63
C ARG A 455 24.09 -23.04 -15.69
N THR A 456 24.74 -23.70 -16.66
CA THR A 456 25.37 -22.98 -17.75
C THR A 456 24.34 -22.47 -18.76
N ILE A 457 23.24 -23.21 -18.92
CA ILE A 457 22.19 -22.78 -19.85
C ILE A 457 21.52 -21.52 -19.31
N ASN A 458 21.19 -20.61 -20.23
CA ASN A 458 20.49 -19.39 -19.86
C ASN A 458 19.18 -19.71 -19.14
N VAL A 459 18.93 -18.98 -18.05
CA VAL A 459 17.78 -19.28 -17.21
C VAL A 459 16.48 -19.00 -17.95
N ARG A 460 16.38 -17.83 -18.58
CA ARG A 460 15.17 -17.49 -19.32
C ARG A 460 14.95 -18.45 -20.48
N TYR A 461 16.01 -18.77 -21.23
CA TYR A 461 15.87 -19.70 -22.33
C TYR A 461 15.51 -21.10 -21.84
N LEU A 462 16.07 -21.50 -20.70
CA LEU A 462 15.72 -22.79 -20.11
C LEU A 462 14.25 -22.85 -19.75
N ARG A 463 13.72 -21.75 -19.20
CA ARG A 463 12.31 -21.76 -18.79
C ARG A 463 11.38 -21.62 -19.99
N GLU A 464 11.84 -21.00 -21.07
CA GLU A 464 11.00 -20.86 -22.27
C GLU A 464 10.65 -22.21 -22.88
N ILE A 465 11.59 -23.16 -22.92
CA ILE A 465 11.32 -24.46 -23.50
C ILE A 465 10.62 -25.41 -22.54
N ILE A 466 10.18 -24.91 -21.39
CA ILE A 466 9.51 -25.72 -20.37
C ILE A 466 8.12 -25.16 -20.18
N GLY A 467 7.11 -25.95 -20.50
CA GLY A 467 5.73 -25.59 -20.19
C GLY A 467 5.26 -26.38 -18.99
N VAL A 468 4.84 -25.66 -17.95
CA VAL A 468 4.54 -26.27 -16.66
C VAL A 468 3.11 -25.95 -16.26
N VAL A 469 2.38 -26.96 -15.80
CA VAL A 469 1.09 -26.81 -15.13
C VAL A 469 1.30 -27.26 -13.69
N SER A 470 1.00 -26.36 -12.76
CA SER A 470 1.32 -26.60 -11.35
C SER A 470 0.25 -27.45 -10.68
N GLN A 471 0.46 -27.74 -9.39
CA GLN A 471 -0.48 -28.56 -8.65
C GLN A 471 -1.84 -27.88 -8.54
N GLU A 472 -1.85 -26.60 -8.17
CA GLU A 472 -3.07 -25.80 -8.11
C GLU A 472 -2.88 -24.62 -9.05
N PRO A 473 -3.35 -24.71 -10.29
CA PRO A 473 -3.06 -23.66 -11.28
C PRO A 473 -3.59 -22.30 -10.84
N VAL A 474 -2.82 -21.26 -11.16
CA VAL A 474 -3.14 -19.89 -10.78
C VAL A 474 -3.32 -19.07 -12.05
N LEU A 475 -4.44 -18.35 -12.13
CA LEU A 475 -4.71 -17.42 -13.21
C LEU A 475 -4.53 -16.00 -12.70
N PHE A 476 -4.66 -15.04 -13.60
CA PHE A 476 -4.53 -13.63 -13.28
C PHE A 476 -5.85 -12.90 -13.48
N ALA A 477 -5.94 -11.71 -12.90
CA ALA A 477 -7.18 -10.92 -12.93
C ALA A 477 -7.27 -10.22 -14.28
N THR A 478 -7.51 -11.02 -15.31
CA THR A 478 -7.67 -10.52 -16.68
C THR A 478 -8.60 -11.47 -17.43
N THR A 479 -8.62 -11.36 -18.74
CA THR A 479 -9.49 -12.19 -19.57
C THR A 479 -8.88 -13.58 -19.76
N ILE A 480 -9.72 -14.51 -20.24
CA ILE A 480 -9.23 -15.85 -20.56
C ILE A 480 -8.19 -15.78 -21.67
N ALA A 481 -8.47 -14.98 -22.70
CA ALA A 481 -7.56 -14.86 -23.82
C ALA A 481 -6.20 -14.31 -23.39
N GLU A 482 -6.20 -13.29 -22.54
CA GLU A 482 -4.93 -12.75 -22.04
C GLU A 482 -4.19 -13.75 -21.18
N ASN A 483 -4.90 -14.49 -20.33
CA ASN A 483 -4.25 -15.51 -19.51
C ASN A 483 -3.61 -16.57 -20.38
N ILE A 484 -4.26 -16.95 -21.47
CA ILE A 484 -3.66 -17.88 -22.42
C ILE A 484 -2.47 -17.24 -23.12
N ARG A 485 -2.55 -15.94 -23.42
CA ARG A 485 -1.44 -15.24 -24.05
C ARG A 485 -0.23 -15.13 -23.13
N TYR A 486 -0.41 -15.27 -21.81
CA TYR A 486 0.74 -15.28 -20.94
C TYR A 486 1.68 -16.45 -21.18
N GLY A 487 1.24 -17.50 -21.88
CA GLY A 487 2.13 -18.55 -22.29
C GLY A 487 3.17 -18.04 -23.28
N ARG A 488 2.72 -17.67 -24.47
CA ARG A 488 3.54 -16.93 -25.43
C ARG A 488 2.80 -15.63 -25.75
N GLU A 489 3.45 -14.49 -25.47
CA GLU A 489 2.79 -13.21 -25.72
C GLU A 489 2.56 -12.96 -27.20
N ASP A 490 3.39 -13.54 -28.07
CA ASP A 490 3.22 -13.41 -29.52
C ASP A 490 2.53 -14.66 -30.07
N VAL A 491 1.25 -14.78 -29.70
CA VAL A 491 0.43 -15.91 -30.11
C VAL A 491 -0.78 -15.38 -30.88
N THR A 492 -1.16 -16.10 -31.93
CA THR A 492 -2.33 -15.75 -32.72
C THR A 492 -3.59 -16.37 -32.11
N MET A 493 -4.74 -15.84 -32.52
CA MET A 493 -6.01 -16.33 -31.99
C MET A 493 -6.29 -17.76 -32.46
N ASP A 494 -5.88 -18.11 -33.68
CA ASP A 494 -6.09 -19.47 -34.16
C ASP A 494 -5.32 -20.48 -33.32
N GLU A 495 -4.08 -20.14 -32.94
CA GLU A 495 -3.33 -21.00 -32.04
C GLU A 495 -3.96 -21.11 -30.66
N ILE A 496 -4.53 -20.03 -30.14
CA ILE A 496 -5.22 -20.07 -28.86
C ILE A 496 -6.43 -21.00 -28.94
N GLU A 497 -7.19 -20.91 -30.03
CA GLU A 497 -8.32 -21.80 -30.21
C GLU A 497 -7.88 -23.26 -30.35
N LYS A 498 -6.79 -23.51 -31.07
CA LYS A 498 -6.27 -24.87 -31.14
C LYS A 498 -5.86 -25.39 -29.77
N ALA A 499 -5.21 -24.55 -28.97
CA ALA A 499 -4.78 -24.97 -27.64
C ALA A 499 -5.97 -25.27 -26.73
N VAL A 500 -6.99 -24.42 -26.75
CA VAL A 500 -8.16 -24.70 -25.91
C VAL A 500 -8.92 -25.91 -26.42
N LYS A 501 -8.86 -26.17 -27.73
CA LYS A 501 -9.42 -27.41 -28.25
C LYS A 501 -8.67 -28.62 -27.71
N GLU A 502 -7.34 -28.52 -27.62
CA GLU A 502 -6.55 -29.61 -27.03
C GLU A 502 -6.89 -29.80 -25.56
N ALA A 503 -7.03 -28.70 -24.82
CA ALA A 503 -7.23 -28.76 -23.37
C ALA A 503 -8.68 -28.97 -22.98
N ASN A 504 -9.55 -29.35 -23.92
CA ASN A 504 -10.97 -29.60 -23.68
C ASN A 504 -11.68 -28.40 -23.08
N ALA A 505 -11.18 -27.19 -23.36
CA ALA A 505 -11.74 -25.96 -22.83
C ALA A 505 -12.57 -25.19 -23.84
N TYR A 506 -12.58 -25.64 -25.10
CA TYR A 506 -13.24 -24.88 -26.17
C TYR A 506 -14.74 -24.75 -25.91
N ASP A 507 -15.39 -25.84 -25.48
CA ASP A 507 -16.84 -25.84 -25.37
C ASP A 507 -17.33 -24.85 -24.32
N PHE A 508 -16.73 -24.88 -23.12
CA PHE A 508 -17.24 -24.02 -22.06
C PHE A 508 -16.86 -22.56 -22.29
N ILE A 509 -15.74 -22.30 -22.96
CA ILE A 509 -15.42 -20.91 -23.32
C ILE A 509 -16.40 -20.39 -24.38
N MET A 510 -16.73 -21.22 -25.38
CA MET A 510 -17.72 -20.82 -26.36
C MET A 510 -19.11 -20.68 -25.74
N LYS A 511 -19.36 -21.35 -24.61
CA LYS A 511 -20.69 -21.34 -24.02
C LYS A 511 -21.02 -19.99 -23.39
N LEU A 512 -20.09 -19.42 -22.62
CA LEU A 512 -20.47 -18.23 -21.87
C LEU A 512 -20.36 -16.98 -22.76
N PRO A 513 -21.08 -15.92 -22.41
CA PRO A 513 -20.93 -14.65 -23.14
C PRO A 513 -19.54 -14.06 -22.91
N HIS A 514 -19.18 -13.15 -23.82
CA HIS A 514 -17.87 -12.50 -23.93
C HIS A 514 -16.80 -13.45 -24.42
N GLN A 515 -17.12 -14.74 -24.62
CA GLN A 515 -16.22 -15.72 -25.21
C GLN A 515 -14.86 -15.76 -24.53
N PHE A 516 -13.81 -15.41 -25.27
CA PHE A 516 -12.46 -15.38 -24.72
C PHE A 516 -12.15 -14.07 -24.00
N ASP A 517 -13.05 -13.10 -24.05
CA ASP A 517 -12.84 -11.81 -23.41
C ASP A 517 -13.50 -11.71 -22.05
N THR A 518 -14.07 -12.80 -21.54
CA THR A 518 -14.68 -12.79 -20.22
C THR A 518 -13.59 -12.71 -19.15
N LEU A 519 -13.79 -11.82 -18.19
CA LEU A 519 -12.80 -11.63 -17.14
C LEU A 519 -12.97 -12.69 -16.06
N VAL A 520 -11.92 -13.44 -15.81
CA VAL A 520 -11.89 -14.37 -14.68
C VAL A 520 -11.55 -13.55 -13.44
N GLY A 521 -11.83 -14.12 -12.26
CA GLY A 521 -11.55 -13.45 -11.01
C GLY A 521 -10.08 -13.50 -10.65
N GLU A 522 -9.75 -12.77 -9.59
CA GLU A 522 -8.39 -12.78 -9.08
C GLU A 522 -8.02 -14.20 -8.65
N ARG A 523 -6.86 -14.66 -9.10
CA ARG A 523 -6.40 -16.03 -8.93
C ARG A 523 -7.34 -17.04 -9.57
N GLY A 524 -8.09 -16.64 -10.59
CA GLY A 524 -9.03 -17.54 -11.22
C GLY A 524 -10.27 -17.83 -10.39
N ALA A 525 -10.64 -16.92 -9.49
CA ALA A 525 -11.74 -17.18 -8.57
C ALA A 525 -13.07 -17.35 -9.31
N GLN A 526 -13.33 -16.51 -10.32
CA GLN A 526 -14.59 -16.59 -11.04
C GLN A 526 -14.55 -17.67 -12.11
N LEU A 527 -14.15 -18.89 -11.71
CA LEU A 527 -14.13 -20.03 -12.60
C LEU A 527 -14.26 -21.29 -11.75
N SER A 528 -14.70 -22.36 -12.39
CA SER A 528 -14.76 -23.66 -11.73
C SER A 528 -13.33 -24.19 -11.56
N GLY A 529 -13.15 -25.18 -10.70
CA GLY A 529 -11.83 -25.75 -10.51
C GLY A 529 -11.32 -26.44 -11.74
N GLY A 530 -12.16 -27.27 -12.37
CA GLY A 530 -11.76 -27.91 -13.61
C GLY A 530 -11.59 -26.92 -14.75
N GLN A 531 -12.46 -25.90 -14.81
CA GLN A 531 -12.31 -24.86 -15.82
C GLN A 531 -11.01 -24.10 -15.63
N LYS A 532 -10.68 -23.76 -14.38
CA LYS A 532 -9.43 -23.06 -14.12
C LYS A 532 -8.23 -23.93 -14.47
N GLN A 533 -8.30 -25.23 -14.17
CA GLN A 533 -7.23 -26.14 -14.56
C GLN A 533 -7.09 -26.26 -16.06
N ARG A 534 -8.20 -26.22 -16.81
CA ARG A 534 -8.17 -26.35 -18.25
C ARG A 534 -7.71 -25.07 -18.96
N ILE A 535 -7.92 -23.90 -18.36
CA ILE A 535 -7.33 -22.67 -18.89
C ILE A 535 -5.82 -22.65 -18.77
N ALA A 536 -5.27 -23.16 -17.67
CA ALA A 536 -3.83 -23.21 -17.48
C ALA A 536 -3.14 -24.31 -18.27
N ILE A 537 -3.84 -25.39 -18.61
CA ILE A 537 -3.26 -26.38 -19.52
C ILE A 537 -3.04 -25.76 -20.89
N ALA A 538 -4.02 -25.02 -21.41
CA ALA A 538 -3.85 -24.33 -22.69
C ALA A 538 -2.74 -23.30 -22.61
N ARG A 539 -2.63 -22.61 -21.49
CA ARG A 539 -1.57 -21.62 -21.31
C ARG A 539 -0.18 -22.25 -21.44
N ALA A 540 -0.01 -23.50 -20.99
CA ALA A 540 1.24 -24.21 -21.19
C ALA A 540 1.35 -24.82 -22.58
N LEU A 541 0.20 -25.09 -23.22
CA LEU A 541 0.23 -25.70 -24.55
C LEU A 541 0.58 -24.69 -25.64
N VAL A 542 0.21 -23.42 -25.46
CA VAL A 542 0.54 -22.42 -26.48
C VAL A 542 2.04 -22.23 -26.59
N ARG A 543 2.78 -22.53 -25.52
CA ARG A 543 4.23 -22.33 -25.51
C ARG A 543 4.97 -23.28 -26.45
N ASN A 544 4.29 -24.29 -27.00
CA ASN A 544 4.92 -25.34 -27.78
C ASN A 544 6.12 -25.93 -27.03
N PRO A 545 5.91 -26.41 -25.80
CA PRO A 545 7.06 -26.79 -24.97
C PRO A 545 7.73 -28.06 -25.48
N LYS A 546 9.03 -28.15 -25.19
CA LYS A 546 9.77 -29.40 -25.36
C LYS A 546 9.79 -30.23 -24.07
N ILE A 547 9.64 -29.58 -22.93
CA ILE A 547 9.59 -30.24 -21.62
C ILE A 547 8.27 -29.85 -20.98
N LEU A 548 7.38 -30.83 -20.80
CA LEU A 548 6.04 -30.58 -20.28
C LEU A 548 5.96 -31.10 -18.84
N LEU A 549 5.96 -30.18 -17.88
CA LEU A 549 5.89 -30.56 -16.47
C LEU A 549 4.45 -30.45 -15.98
N LEU A 550 3.76 -31.57 -15.89
CA LEU A 550 2.39 -31.61 -15.40
C LEU A 550 2.41 -32.08 -13.95
N ASP A 551 1.79 -31.30 -13.06
CA ASP A 551 1.73 -31.61 -11.65
C ASP A 551 0.26 -31.73 -11.24
N GLU A 552 -0.29 -32.94 -11.37
CA GLU A 552 -1.69 -33.20 -11.08
C GLU A 552 -2.60 -32.22 -11.82
N ALA A 553 -2.46 -32.17 -13.14
CA ALA A 553 -3.22 -31.23 -13.97
C ALA A 553 -4.64 -31.69 -14.23
N THR A 554 -4.99 -32.91 -13.84
CA THR A 554 -6.34 -33.42 -14.03
C THR A 554 -7.04 -33.72 -12.70
N SER A 555 -6.59 -33.08 -11.61
CA SER A 555 -7.18 -33.35 -10.31
C SER A 555 -8.62 -32.87 -10.23
N ALA A 556 -8.91 -31.70 -10.77
CA ALA A 556 -10.25 -31.14 -10.73
C ALA A 556 -11.13 -31.60 -11.88
N LEU A 557 -10.54 -32.14 -12.94
CA LEU A 557 -11.32 -32.61 -14.08
C LEU A 557 -12.08 -33.87 -13.72
N ASP A 558 -13.24 -34.05 -14.35
CA ASP A 558 -13.99 -35.29 -14.22
C ASP A 558 -13.36 -36.36 -15.10
N THR A 559 -13.92 -37.56 -15.10
CA THR A 559 -13.36 -38.67 -15.87
C THR A 559 -13.51 -38.47 -17.38
N GLU A 560 -14.55 -37.74 -17.82
CA GLU A 560 -14.76 -37.48 -19.23
C GLU A 560 -13.77 -36.46 -19.79
N SER A 561 -13.54 -35.36 -19.07
CA SER A 561 -12.56 -34.37 -19.52
C SER A 561 -11.14 -34.92 -19.41
N GLU A 562 -10.89 -35.75 -18.39
CA GLU A 562 -9.57 -36.33 -18.20
C GLU A 562 -9.17 -37.17 -19.41
N ALA A 563 -10.09 -37.98 -19.93
CA ALA A 563 -9.79 -38.81 -21.09
C ALA A 563 -9.50 -37.95 -22.31
N VAL A 564 -10.27 -36.88 -22.52
CA VAL A 564 -10.04 -36.00 -23.66
C VAL A 564 -8.67 -35.34 -23.56
N VAL A 565 -8.32 -34.83 -22.39
CA VAL A 565 -7.02 -34.19 -22.22
C VAL A 565 -5.89 -35.19 -22.42
N GLN A 566 -6.04 -36.41 -21.88
CA GLN A 566 -5.00 -37.41 -22.05
C GLN A 566 -4.84 -37.80 -23.52
N ALA A 567 -5.95 -37.93 -24.25
CA ALA A 567 -5.88 -38.25 -25.66
C ALA A 567 -5.20 -37.14 -26.45
N ALA A 568 -5.53 -35.88 -26.12
CA ALA A 568 -4.91 -34.75 -26.81
C ALA A 568 -3.41 -34.72 -26.55
N LEU A 569 -3.00 -34.99 -25.31
CA LEU A 569 -1.56 -35.05 -25.01
C LEU A 569 -0.90 -36.22 -25.72
N ASP A 570 -1.60 -37.35 -25.84
CA ASP A 570 -1.02 -38.52 -26.49
C ASP A 570 -0.85 -38.30 -27.99
N LYS A 571 -1.74 -37.51 -28.60
CA LYS A 571 -1.63 -37.25 -30.03
C LYS A 571 -0.33 -36.52 -30.36
N ALA A 572 0.05 -35.54 -29.53
CA ALA A 572 1.29 -34.81 -29.69
C ALA A 572 2.40 -35.31 -28.77
N ARG A 573 2.44 -36.61 -28.51
CA ARG A 573 3.42 -37.16 -27.57
C ARG A 573 4.83 -37.11 -28.13
N GLU A 574 4.97 -37.35 -29.43
CA GLU A 574 6.30 -37.50 -30.02
C GLU A 574 7.09 -36.20 -29.99
N GLY A 575 6.39 -35.06 -29.97
CA GLY A 575 7.09 -33.78 -30.05
C GLY A 575 7.90 -33.46 -28.81
N ARG A 576 7.38 -33.81 -27.64
CA ARG A 576 7.96 -33.37 -26.38
C ARG A 576 8.05 -34.53 -25.40
N THR A 577 8.80 -34.31 -24.33
CA THR A 577 8.87 -35.24 -23.20
C THR A 577 8.13 -34.65 -22.01
N THR A 578 7.36 -35.50 -21.32
CA THR A 578 6.49 -35.07 -20.25
C THR A 578 6.93 -35.67 -18.94
N ILE A 579 7.06 -34.83 -17.91
CA ILE A 579 7.19 -35.24 -16.52
C ILE A 579 5.81 -35.07 -15.91
N VAL A 580 5.06 -36.16 -15.78
CA VAL A 580 3.67 -36.12 -15.33
C VAL A 580 3.61 -36.66 -13.91
N ILE A 581 2.87 -35.96 -13.06
CA ILE A 581 2.70 -36.31 -11.65
C ILE A 581 1.21 -36.38 -11.37
N ALA A 582 0.75 -37.51 -10.84
CA ALA A 582 -0.65 -37.66 -10.53
C ALA A 582 -0.83 -38.79 -9.51
N HIS A 583 -1.88 -38.66 -8.70
CA HIS A 583 -2.29 -39.73 -7.81
C HIS A 583 -3.35 -40.63 -8.43
N ARG A 584 -4.13 -40.11 -9.37
CA ARG A 584 -5.05 -40.94 -10.13
C ARG A 584 -4.26 -41.94 -10.96
N LEU A 585 -4.75 -43.18 -10.99
CA LEU A 585 -4.05 -44.27 -11.67
C LEU A 585 -4.49 -44.45 -13.12
N SER A 586 -5.41 -43.61 -13.60
CA SER A 586 -5.82 -43.67 -15.00
C SER A 586 -4.85 -42.94 -15.92
N THR A 587 -4.22 -41.87 -15.44
CA THR A 587 -3.25 -41.13 -16.25
C THR A 587 -1.91 -41.83 -16.32
N VAL A 588 -1.56 -42.63 -15.32
CA VAL A 588 -0.24 -43.24 -15.24
C VAL A 588 -0.20 -44.63 -15.83
N ARG A 589 -1.35 -45.19 -16.24
CA ARG A 589 -1.36 -46.55 -16.75
C ARG A 589 -0.70 -46.65 -18.12
N ASN A 590 -0.78 -45.58 -18.91
CA ASN A 590 -0.22 -45.58 -20.26
C ASN A 590 1.13 -44.88 -20.36
N ALA A 591 1.71 -44.48 -19.22
CA ALA A 591 3.03 -43.84 -19.25
C ALA A 591 4.09 -44.83 -19.70
N ASP A 592 5.12 -44.30 -20.37
CA ASP A 592 6.21 -45.15 -20.83
C ASP A 592 6.98 -45.76 -19.68
N VAL A 593 7.22 -44.98 -18.63
CA VAL A 593 7.94 -45.47 -17.46
C VAL A 593 7.37 -44.78 -16.22
N ILE A 594 7.41 -45.48 -15.08
CA ILE A 594 6.87 -45.00 -13.82
C ILE A 594 7.97 -45.04 -12.78
N ALA A 595 8.11 -43.94 -12.03
CA ALA A 595 9.10 -43.81 -10.97
C ALA A 595 8.41 -43.59 -9.64
N GLY A 596 8.77 -44.40 -8.65
CA GLY A 596 8.17 -44.36 -7.33
C GLY A 596 9.07 -43.68 -6.32
N PHE A 597 8.47 -42.81 -5.51
CA PHE A 597 9.18 -42.03 -4.51
C PHE A 597 8.95 -42.61 -3.13
N ASP A 598 10.03 -42.75 -2.36
CA ASP A 598 9.96 -43.21 -0.98
C ASP A 598 11.10 -42.54 -0.20
N GLY A 599 10.79 -41.44 0.47
CA GLY A 599 11.80 -40.69 1.20
C GLY A 599 12.84 -40.04 0.31
N GLY A 600 12.40 -39.45 -0.80
CA GLY A 600 13.29 -38.68 -1.63
C GLY A 600 14.19 -39.48 -2.55
N VAL A 601 13.88 -40.76 -2.77
CA VAL A 601 14.64 -41.60 -3.68
C VAL A 601 13.68 -42.31 -4.62
N ILE A 602 14.21 -42.75 -5.75
CA ILE A 602 13.45 -43.55 -6.71
C ILE A 602 13.66 -45.01 -6.34
N VAL A 603 12.60 -45.62 -5.78
CA VAL A 603 12.70 -47.02 -5.35
C VAL A 603 12.29 -47.97 -6.46
N GLU A 604 11.39 -47.52 -7.35
CA GLU A 604 10.92 -48.33 -8.47
C GLU A 604 10.99 -47.50 -9.74
N GLN A 605 11.42 -48.14 -10.83
CA GLN A 605 11.54 -47.49 -12.14
C GLN A 605 11.26 -48.54 -13.20
N GLY A 606 10.02 -48.56 -13.68
CA GLY A 606 9.63 -49.53 -14.70
C GLY A 606 8.26 -49.20 -15.26
N ASN A 607 7.84 -50.00 -16.23
CA ASN A 607 6.55 -49.82 -16.87
C ASN A 607 5.44 -50.35 -15.98
N HIS A 608 4.19 -50.16 -16.45
CA HIS A 608 3.04 -50.64 -15.69
C HIS A 608 3.05 -52.15 -15.54
N ASP A 609 3.33 -52.87 -16.63
CA ASP A 609 3.36 -54.33 -16.58
C ASP A 609 4.48 -54.82 -15.68
N GLU A 610 5.66 -54.20 -15.78
CA GLU A 610 6.80 -54.63 -14.98
C GLU A 610 6.56 -54.39 -13.50
N LEU A 611 6.01 -53.23 -13.15
CA LEU A 611 5.74 -52.89 -11.76
C LEU A 611 4.47 -53.56 -11.23
N MET A 612 3.63 -54.13 -12.10
CA MET A 612 2.44 -54.83 -11.65
C MET A 612 2.82 -56.06 -10.83
N ARG A 613 3.86 -56.78 -11.25
CA ARG A 613 4.34 -57.96 -10.55
C ARG A 613 5.41 -57.64 -9.52
N GLU A 614 5.85 -56.39 -9.43
CA GLU A 614 6.92 -56.03 -8.50
C GLU A 614 6.48 -56.11 -7.06
N LYS A 615 5.18 -56.01 -6.79
CA LYS A 615 4.63 -56.05 -5.43
C LYS A 615 5.24 -54.95 -4.56
N GLY A 616 5.19 -53.72 -5.07
CA GLY A 616 5.73 -52.59 -4.35
C GLY A 616 4.69 -51.54 -4.02
N ILE A 617 5.13 -50.29 -3.90
CA ILE A 617 4.19 -49.21 -3.58
C ILE A 617 3.18 -49.00 -4.71
N TYR A 618 3.62 -49.10 -5.96
CA TYR A 618 2.70 -48.96 -7.08
C TYR A 618 1.65 -50.06 -7.07
N PHE A 619 2.05 -51.28 -6.73
CA PHE A 619 1.09 -52.38 -6.64
C PHE A 619 0.03 -52.11 -5.58
N LYS A 620 0.46 -51.65 -4.39
CA LYS A 620 -0.49 -51.34 -3.32
C LYS A 620 -1.42 -50.21 -3.74
N LEU A 621 -0.89 -49.20 -4.43
CA LEU A 621 -1.73 -48.15 -4.99
C LEU A 621 -2.76 -48.72 -5.96
N VAL A 622 -2.35 -49.69 -6.78
CA VAL A 622 -3.28 -50.32 -7.71
C VAL A 622 -4.41 -51.01 -6.97
N MET A 623 -4.10 -51.76 -5.91
CA MET A 623 -5.20 -52.39 -5.15
C MET A 623 -6.09 -51.36 -4.48
N THR A 624 -5.51 -50.25 -3.98
CA THR A 624 -6.32 -49.29 -3.24
C THR A 624 -7.41 -48.69 -4.11
N GLN A 625 -7.08 -48.35 -5.36
CA GLN A 625 -8.08 -47.80 -6.27
C GLN A 625 -8.74 -48.93 -7.07
N ASP A 687 -19.20 13.56 -8.20
CA ASP A 687 -19.93 12.72 -7.25
C ASP A 687 -19.55 13.07 -5.81
N VAL A 688 -18.34 13.61 -5.64
CA VAL A 688 -17.82 13.94 -4.32
C VAL A 688 -18.56 15.16 -3.77
N PRO A 689 -19.22 15.04 -2.62
CA PRO A 689 -19.85 16.21 -1.99
C PRO A 689 -18.79 17.17 -1.49
N PRO A 690 -19.11 18.48 -1.48
CA PRO A 690 -18.12 19.46 -0.99
C PRO A 690 -17.89 19.41 0.51
N ALA A 691 -18.82 18.88 1.29
CA ALA A 691 -18.68 18.80 2.74
C ALA A 691 -18.21 17.44 3.22
N SER A 692 -17.48 16.69 2.40
CA SER A 692 -17.00 15.37 2.80
C SER A 692 -16.01 15.48 3.95
N PHE A 693 -15.08 16.43 3.87
CA PHE A 693 -14.04 16.60 4.87
C PHE A 693 -14.57 17.01 6.23
N TRP A 694 -15.76 17.63 6.29
CA TRP A 694 -16.39 17.99 7.56
C TRP A 694 -17.03 16.79 8.25
N ARG A 695 -17.63 15.88 7.49
CA ARG A 695 -18.22 14.69 8.09
C ARG A 695 -17.14 13.80 8.69
N ILE A 696 -15.97 13.73 8.06
CA ILE A 696 -14.85 12.98 8.62
C ILE A 696 -14.41 13.62 9.93
N LEU A 697 -14.33 14.95 9.97
CA LEU A 697 -14.00 15.65 11.21
C LEU A 697 -15.12 15.52 12.24
N LYS A 698 -16.32 15.11 11.81
CA LYS A 698 -17.42 14.88 12.73
C LYS A 698 -17.34 13.54 13.44
N LEU A 699 -16.37 12.71 13.08
CA LEU A 699 -16.11 11.46 13.78
C LEU A 699 -15.22 11.66 15.00
N ASN A 700 -14.79 12.90 15.26
CA ASN A 700 -14.07 13.25 16.48
C ASN A 700 -14.97 13.91 17.51
N SER A 701 -16.28 13.67 17.44
CA SER A 701 -17.20 14.26 18.41
C SER A 701 -16.89 13.78 19.82
N THR A 702 -16.44 12.53 19.95
CA THR A 702 -15.98 12.04 21.25
C THR A 702 -14.77 12.83 21.74
N GLU A 703 -13.89 13.22 20.82
CA GLU A 703 -12.72 14.01 21.14
C GLU A 703 -12.98 15.51 21.04
N TRP A 704 -14.23 15.93 21.28
CA TRP A 704 -14.55 17.36 21.24
C TRP A 704 -13.74 18.21 22.23
N PRO A 705 -13.43 17.77 23.46
CA PRO A 705 -12.60 18.63 24.32
C PRO A 705 -11.24 18.94 23.71
N TYR A 706 -10.73 18.07 22.85
CA TYR A 706 -9.52 18.39 22.11
C TYR A 706 -9.79 19.36 20.97
N PHE A 707 -11.04 19.48 20.53
CA PHE A 707 -11.41 20.38 19.44
C PHE A 707 -12.16 21.62 19.91
N VAL A 708 -12.10 21.95 21.20
CA VAL A 708 -12.58 23.24 21.70
C VAL A 708 -11.47 23.99 22.43
N VAL A 709 -10.76 23.30 23.34
CA VAL A 709 -9.58 23.89 23.96
C VAL A 709 -8.52 24.17 22.91
N GLY A 710 -8.36 23.23 21.96
CA GLY A 710 -7.44 23.46 20.86
C GLY A 710 -7.87 24.63 19.98
N ILE A 711 -9.17 24.77 19.76
CA ILE A 711 -9.67 25.89 18.97
C ILE A 711 -9.38 27.21 19.66
N PHE A 712 -9.63 27.28 20.97
CA PHE A 712 -9.33 28.50 21.71
C PHE A 712 -7.84 28.81 21.73
N ALA A 713 -7.01 27.77 21.87
CA ALA A 713 -5.57 27.97 21.80
C ALA A 713 -5.13 28.47 20.42
N ALA A 714 -5.73 27.95 19.35
CA ALA A 714 -5.41 28.45 18.02
C ALA A 714 -5.83 29.90 17.85
N ILE A 715 -7.00 30.27 18.39
CA ILE A 715 -7.44 31.66 18.32
C ILE A 715 -6.47 32.56 19.08
N ILE A 716 -6.03 32.13 20.26
CA ILE A 716 -5.07 32.92 21.02
C ILE A 716 -3.75 33.05 20.28
N ASN A 717 -3.23 31.95 19.73
CA ASN A 717 -1.97 31.98 19.01
C ASN A 717 -2.07 32.74 17.69
N GLY A 718 -3.27 32.93 17.16
CA GLY A 718 -3.44 33.74 15.97
C GLY A 718 -3.98 35.11 16.28
N GLY A 719 -4.41 35.31 17.53
CA GLY A 719 -4.90 36.60 17.96
C GLY A 719 -3.82 37.43 18.59
N LEU A 720 -2.63 36.85 18.74
CA LEU A 720 -1.50 37.53 19.36
C LEU A 720 -0.33 37.72 18.40
N GLN A 721 -0.38 37.06 17.23
CA GLN A 721 0.65 37.34 16.19
C GLN A 721 0.47 38.81 15.75
N PRO A 722 -0.74 39.34 15.44
CA PRO A 722 -0.89 40.78 15.18
C PRO A 722 -0.59 41.66 16.39
N ALA A 723 -0.64 41.13 17.61
CA ALA A 723 -0.19 41.84 18.79
C ALA A 723 1.32 41.89 18.89
N PHE A 724 2.03 40.90 18.35
CA PHE A 724 3.48 40.99 18.26
C PHE A 724 3.88 42.16 17.38
N SER A 725 3.13 42.39 16.30
CA SER A 725 3.42 43.51 15.42
C SER A 725 3.27 44.84 16.16
N VAL A 726 2.32 44.92 17.08
CA VAL A 726 2.12 46.15 17.85
C VAL A 726 3.33 46.44 18.72
N ILE A 727 3.84 45.42 19.42
CA ILE A 727 5.00 45.62 20.28
C ILE A 727 6.23 45.93 19.44
N PHE A 728 6.31 45.28 18.28
CA PHE A 728 7.45 45.54 17.37
C PHE A 728 7.40 47.00 16.92
N SER A 729 6.21 47.48 16.54
CA SER A 729 6.06 48.87 16.14
C SER A 729 6.39 49.81 17.28
N LYS A 730 6.03 49.45 18.51
CA LYS A 730 6.37 50.29 19.66
C LYS A 730 7.87 50.36 19.88
N VAL A 731 8.57 49.24 19.76
CA VAL A 731 10.01 49.23 19.99
C VAL A 731 10.75 49.95 18.87
N VAL A 732 10.18 49.94 17.66
CA VAL A 732 10.75 50.77 16.60
C VAL A 732 10.46 52.26 16.87
N GLY A 733 9.25 52.56 17.35
CA GLY A 733 8.85 53.95 17.50
C GLY A 733 9.45 54.63 18.70
N VAL A 734 9.90 53.87 19.70
CA VAL A 734 10.55 54.49 20.85
C VAL A 734 11.84 55.17 20.41
N PHE A 735 12.37 54.77 19.25
CA PHE A 735 13.56 55.41 18.70
C PHE A 735 13.21 56.30 17.52
N THR A 736 12.30 55.85 16.65
CA THR A 736 11.94 56.63 15.48
C THR A 736 11.19 57.91 15.86
N ASN A 737 10.19 57.79 16.73
CA ASN A 737 9.43 58.93 17.24
C ASN A 737 9.74 59.21 18.70
N GLY A 738 10.94 58.87 19.16
CA GLY A 738 11.37 59.16 20.51
C GLY A 738 12.45 60.22 20.52
N GLY A 739 12.36 61.14 21.47
CA GLY A 739 13.24 62.29 21.51
C GLY A 739 14.38 62.16 22.49
N PRO A 740 14.25 62.81 23.65
CA PRO A 740 15.35 62.83 24.62
C PRO A 740 15.70 61.43 25.10
N PRO A 741 16.98 61.15 25.32
CA PRO A 741 17.36 59.83 25.86
C PRO A 741 16.77 59.55 27.23
N GLU A 742 16.58 60.58 28.05
CA GLU A 742 15.98 60.37 29.37
C GLU A 742 14.55 59.86 29.26
N THR A 743 13.77 60.43 28.34
CA THR A 743 12.41 59.96 28.14
C THR A 743 12.42 58.63 27.39
N GLN A 744 11.71 57.65 27.93
CA GLN A 744 11.61 56.29 27.37
C GLN A 744 13.04 55.73 27.25
N ARG A 745 13.43 55.17 26.10
CA ARG A 745 14.76 54.60 25.90
C ARG A 745 15.07 53.54 26.94
N GLN A 746 15.95 53.85 27.90
CA GLN A 746 16.26 52.93 28.97
C GLN A 746 15.02 52.57 29.78
N ASN A 747 14.12 53.53 29.98
CA ASN A 747 12.88 53.24 30.69
C ASN A 747 12.01 52.26 29.92
N SER A 748 12.09 52.28 28.59
CA SER A 748 11.27 51.41 27.74
C SER A 748 11.91 50.04 27.57
N ASN A 749 12.25 49.43 28.71
CA ASN A 749 12.70 48.04 28.75
C ASN A 749 11.57 47.08 29.08
N LEU A 750 10.36 47.60 29.30
CA LEU A 750 9.22 46.73 29.57
C LEU A 750 8.84 45.94 28.33
N PHE A 751 9.23 46.43 27.15
CA PHE A 751 8.90 45.74 25.91
C PHE A 751 9.62 44.40 25.79
N SER A 752 10.86 44.33 26.27
CA SER A 752 11.57 43.05 26.30
C SER A 752 10.86 42.06 27.22
N LEU A 753 10.35 42.56 28.36
CA LEU A 753 9.58 41.71 29.26
C LEU A 753 8.30 41.22 28.59
N LEU A 754 7.66 42.09 27.81
CA LEU A 754 6.48 41.66 27.04
C LEU A 754 6.86 40.61 26.02
N PHE A 755 8.02 40.76 25.38
CA PHE A 755 8.49 39.77 24.42
C PHE A 755 8.69 38.41 25.10
N LEU A 756 9.31 38.40 26.27
CA LEU A 756 9.49 37.16 27.01
C LEU A 756 8.18 36.55 27.50
N ILE A 757 7.23 37.39 27.93
CA ILE A 757 5.91 36.89 28.32
C ILE A 757 5.23 36.23 27.12
N LEU A 758 5.30 36.86 25.96
CA LEU A 758 4.76 36.26 24.75
C LEU A 758 5.50 34.98 24.40
N GLY A 759 6.80 34.92 24.69
CA GLY A 759 7.54 33.69 24.45
C GLY A 759 7.08 32.55 25.33
N ILE A 760 6.72 32.85 26.57
CA ILE A 760 6.13 31.82 27.44
C ILE A 760 4.75 31.42 26.93
N ILE A 761 3.95 32.41 26.51
CA ILE A 761 2.64 32.12 25.92
C ILE A 761 2.81 31.27 24.67
N SER A 762 3.96 31.37 24.02
CA SER A 762 4.24 30.56 22.83
C SER A 762 4.13 29.09 23.16
N PHE A 763 4.85 28.61 24.18
CA PHE A 763 4.55 27.28 24.70
C PHE A 763 3.07 27.15 25.04
N ILE A 764 2.59 27.99 25.97
CA ILE A 764 1.28 27.78 26.61
C ILE A 764 0.17 27.55 25.59
N THR A 765 0.25 28.17 24.42
CA THR A 765 -0.79 28.00 23.42
C THR A 765 -0.39 27.18 22.20
N PHE A 766 0.84 27.31 21.67
CA PHE A 766 1.22 26.55 20.50
C PHE A 766 1.33 25.06 20.82
N PHE A 767 1.88 24.72 21.99
CA PHE A 767 1.99 23.31 22.36
C PHE A 767 0.61 22.68 22.42
N LEU A 768 -0.36 23.40 23.00
CA LEU A 768 -1.71 22.88 23.09
C LEU A 768 -2.35 22.77 21.71
N GLN A 769 -2.19 23.79 20.87
CA GLN A 769 -2.84 23.76 19.56
C GLN A 769 -2.24 22.73 18.61
N GLY A 770 -0.95 22.44 18.74
CA GLY A 770 -0.34 21.42 17.89
C GLY A 770 -0.42 20.04 18.50
N PHE A 771 -0.70 19.98 19.80
CA PHE A 771 -0.82 18.69 20.47
C PHE A 771 -2.23 18.13 20.32
N THR A 772 -3.25 18.90 20.70
CA THR A 772 -4.62 18.46 20.55
C THR A 772 -5.03 18.27 19.10
N PHE A 773 -4.35 18.91 18.16
CA PHE A 773 -4.56 18.67 16.74
C PHE A 773 -3.66 17.58 16.19
N GLY A 774 -2.46 17.40 16.74
CA GLY A 774 -1.57 16.35 16.31
C GLY A 774 -1.90 15.02 16.96
N LYS A 775 -2.68 15.04 18.04
CA LYS A 775 -3.14 13.82 18.69
C LYS A 775 -4.51 13.37 18.21
N ALA A 776 -5.47 14.29 18.09
CA ALA A 776 -6.76 13.96 17.50
C ALA A 776 -6.64 13.66 16.01
N GLY A 777 -5.56 14.07 15.36
CA GLY A 777 -5.26 13.67 14.00
C GLY A 777 -4.68 12.29 13.88
N GLU A 778 -4.28 11.68 14.99
CA GLU A 778 -3.88 10.28 15.01
C GLU A 778 -4.94 9.37 15.58
N ILE A 779 -5.84 9.89 16.42
CA ILE A 779 -7.01 9.15 16.87
C ILE A 779 -8.03 9.00 15.77
N LEU A 780 -8.12 9.98 14.87
CA LEU A 780 -9.06 9.92 13.76
C LEU A 780 -8.60 9.01 12.63
N THR A 781 -7.33 9.10 12.21
CA THR A 781 -6.85 8.23 11.15
C THR A 781 -6.89 6.77 11.57
N LYS A 782 -6.54 6.47 12.84
CA LYS A 782 -6.73 5.13 13.35
C LYS A 782 -8.18 4.69 13.34
N ARG A 783 -9.09 5.54 13.80
CA ARG A 783 -10.52 5.23 13.75
C ARG A 783 -11.06 5.12 12.34
N LEU A 784 -10.56 5.94 11.41
CA LEU A 784 -10.93 5.84 10.00
C LEU A 784 -10.51 4.49 9.41
N ARG A 785 -9.24 4.11 9.62
CA ARG A 785 -8.78 2.83 9.11
C ARG A 785 -9.52 1.67 9.75
N TYR A 786 -9.78 1.76 11.07
CA TYR A 786 -10.50 0.69 11.76
C TYR A 786 -11.89 0.50 11.19
N MET A 787 -12.64 1.59 11.03
CA MET A 787 -13.98 1.50 10.44
C MET A 787 -13.97 1.05 8.98
N VAL A 788 -13.01 1.52 8.17
CA VAL A 788 -12.95 1.09 6.78
C VAL A 788 -12.67 -0.41 6.70
N PHE A 789 -11.73 -0.90 7.52
CA PHE A 789 -11.42 -2.33 7.50
C PHE A 789 -12.57 -3.16 8.03
N LYS A 790 -13.25 -2.69 9.08
CA LYS A 790 -14.40 -3.40 9.61
C LYS A 790 -15.55 -3.45 8.62
N SER A 791 -15.74 -2.38 7.84
CA SER A 791 -16.76 -2.36 6.80
C SER A 791 -16.38 -3.27 5.63
N MET A 792 -15.09 -3.32 5.28
CA MET A 792 -14.66 -4.21 4.21
C MET A 792 -14.94 -5.67 4.55
N LEU A 793 -14.63 -6.09 5.78
CA LEU A 793 -14.92 -7.45 6.20
C LEU A 793 -16.41 -7.68 6.33
N ARG A 794 -17.22 -6.63 6.45
CA ARG A 794 -18.66 -6.78 6.59
C ARG A 794 -19.32 -7.13 5.26
N GLN A 795 -18.73 -6.71 4.14
CA GLN A 795 -19.36 -6.83 2.83
C GLN A 795 -19.63 -8.27 2.44
N ASP A 796 -20.44 -8.46 1.39
CA ASP A 796 -20.81 -9.78 0.94
C ASP A 796 -19.68 -10.39 0.10
N VAL A 797 -19.86 -11.64 -0.32
CA VAL A 797 -18.90 -12.31 -1.18
C VAL A 797 -19.04 -11.71 -2.58
N SER A 798 -20.22 -11.16 -2.87
CA SER A 798 -20.48 -10.53 -4.16
C SER A 798 -19.74 -9.21 -4.33
N TRP A 799 -19.42 -8.51 -3.24
CA TRP A 799 -18.68 -7.26 -3.31
C TRP A 799 -17.20 -7.45 -3.56
N PHE A 800 -16.66 -8.64 -3.27
CA PHE A 800 -15.26 -8.95 -3.56
C PHE A 800 -15.09 -9.58 -4.93
N ASP A 801 -16.18 -9.92 -5.62
CA ASP A 801 -16.13 -10.45 -6.97
C ASP A 801 -16.10 -9.35 -8.02
N ASP A 802 -16.35 -8.11 -7.65
CA ASP A 802 -16.28 -7.00 -8.59
C ASP A 802 -14.86 -6.81 -9.09
N PRO A 803 -14.68 -6.56 -10.38
CA PRO A 803 -13.33 -6.31 -10.93
C PRO A 803 -12.62 -5.12 -10.29
N LYS A 804 -13.36 -4.12 -9.82
CA LYS A 804 -12.75 -2.99 -9.14
C LYS A 804 -12.19 -3.35 -7.77
N ASN A 805 -12.79 -4.32 -7.09
CA ASN A 805 -12.39 -4.69 -5.73
C ASN A 805 -11.47 -5.91 -5.76
N THR A 806 -10.24 -5.67 -6.18
CA THR A 806 -9.18 -6.66 -6.10
C THR A 806 -8.37 -6.44 -4.83
N THR A 807 -7.57 -7.44 -4.47
CA THR A 807 -6.80 -7.37 -3.24
C THR A 807 -5.84 -6.18 -3.25
N GLY A 808 -5.11 -6.02 -4.35
CA GLY A 808 -4.20 -4.89 -4.46
C GLY A 808 -4.94 -3.56 -4.46
N ALA A 809 -6.06 -3.50 -5.18
CA ALA A 809 -6.87 -2.28 -5.18
C ALA A 809 -7.42 -1.99 -3.79
N LEU A 810 -7.87 -3.03 -3.08
CA LEU A 810 -8.40 -2.84 -1.73
C LEU A 810 -7.32 -2.32 -0.78
N THR A 811 -6.12 -2.89 -0.85
CA THR A 811 -5.03 -2.44 0.00
C THR A 811 -4.63 -1.01 -0.33
N THR A 812 -4.59 -0.67 -1.63
CA THR A 812 -4.27 0.70 -2.02
C THR A 812 -5.34 1.67 -1.51
N ARG A 813 -6.61 1.33 -1.68
CA ARG A 813 -7.72 2.17 -1.23
C ARG A 813 -7.75 2.32 0.29
N LEU A 814 -7.33 1.31 1.03
CA LEU A 814 -7.24 1.38 2.49
C LEU A 814 -6.05 2.20 2.95
N ALA A 815 -4.90 2.09 2.28
CA ALA A 815 -3.71 2.79 2.75
C ALA A 815 -3.71 4.25 2.33
N ASN A 816 -4.27 4.56 1.15
CA ASN A 816 -4.09 5.89 0.58
C ASN A 816 -5.13 6.88 1.10
N ASP A 817 -6.38 6.44 1.28
CA ASP A 817 -7.45 7.35 1.66
C ASP A 817 -7.19 7.96 3.02
N ALA A 818 -6.94 7.12 4.02
CA ALA A 818 -6.61 7.59 5.36
C ALA A 818 -5.30 8.36 5.40
N ALA A 819 -4.33 8.00 4.56
CA ALA A 819 -3.10 8.77 4.49
C ALA A 819 -3.35 10.19 4.02
N GLN A 820 -4.19 10.36 3.00
CA GLN A 820 -4.52 11.70 2.52
C GLN A 820 -5.30 12.48 3.58
N VAL A 821 -6.28 11.84 4.22
CA VAL A 821 -7.04 12.53 5.25
C VAL A 821 -6.14 12.95 6.40
N LYS A 822 -5.19 12.10 6.79
CA LYS A 822 -4.20 12.48 7.79
C LYS A 822 -3.32 13.62 7.31
N GLY A 823 -2.93 13.62 6.04
CA GLY A 823 -2.14 14.71 5.51
C GLY A 823 -2.84 16.04 5.61
N ALA A 824 -4.17 16.05 5.40
CA ALA A 824 -4.92 17.29 5.59
C ALA A 824 -5.06 17.63 7.07
N THR A 825 -5.39 16.65 7.89
CA THR A 825 -5.63 16.88 9.31
C THR A 825 -4.32 17.14 10.04
N GLY A 826 -4.38 17.91 11.13
CA GLY A 826 -3.19 18.15 11.93
C GLY A 826 -2.72 19.58 11.79
N SER A 827 -1.45 19.75 11.42
CA SER A 827 -0.89 21.09 11.29
C SER A 827 -1.64 21.90 10.23
N ARG A 828 -1.91 21.30 9.07
CA ARG A 828 -2.70 21.94 8.04
C ARG A 828 -4.12 22.27 8.49
N LEU A 829 -4.60 21.64 9.56
CA LEU A 829 -5.87 21.98 10.17
C LEU A 829 -5.75 23.12 11.17
N ALA A 830 -4.58 23.27 11.80
CA ALA A 830 -4.41 24.33 12.80
C ALA A 830 -4.34 25.71 12.15
N VAL A 831 -3.65 25.81 11.02
CA VAL A 831 -3.41 27.11 10.41
C VAL A 831 -4.73 27.77 10.03
N ILE A 832 -5.71 26.97 9.59
CA ILE A 832 -7.03 27.52 9.26
C ILE A 832 -7.63 28.22 10.47
N PHE A 833 -7.47 27.64 11.65
CA PHE A 833 -8.05 28.25 12.85
C PHE A 833 -7.11 29.31 13.42
N GLN A 834 -5.91 29.45 12.86
CA GLN A 834 -4.98 30.46 13.34
C GLN A 834 -4.85 31.61 12.35
N ASN A 835 -4.55 31.29 11.08
CA ASN A 835 -4.30 32.32 10.08
C ASN A 835 -5.52 33.22 9.87
N ILE A 836 -6.72 32.63 9.85
CA ILE A 836 -7.94 33.43 9.76
C ILE A 836 -8.02 34.39 10.93
N ALA A 837 -7.64 33.93 12.12
CA ALA A 837 -7.49 34.84 13.25
C ALA A 837 -6.35 35.82 13.00
N ASN A 838 -5.22 35.32 12.50
CA ASN A 838 -4.04 36.16 12.30
C ASN A 838 -4.36 37.35 11.39
N LEU A 839 -4.98 37.08 10.25
CA LEU A 839 -5.51 38.16 9.44
C LEU A 839 -6.64 38.91 10.12
N GLY A 840 -7.57 38.19 10.75
CA GLY A 840 -8.78 38.80 11.28
C GLY A 840 -8.54 39.85 12.34
N THR A 841 -7.80 39.49 13.38
CA THR A 841 -7.50 40.44 14.45
C THR A 841 -6.80 41.66 13.90
N GLY A 842 -5.84 41.45 12.98
CA GLY A 842 -5.21 42.58 12.32
C GLY A 842 -6.22 43.48 11.65
N ILE A 843 -7.20 42.90 10.95
CA ILE A 843 -8.28 43.68 10.35
C ILE A 843 -8.81 44.71 11.33
N ILE A 844 -8.96 44.32 12.59
CA ILE A 844 -9.40 45.28 13.60
C ILE A 844 -8.26 46.24 13.94
N ILE A 845 -7.13 45.70 14.41
CA ILE A 845 -6.15 46.54 15.09
C ILE A 845 -5.45 47.46 14.10
N SER A 846 -5.10 46.94 12.92
CA SER A 846 -4.48 47.80 11.91
C SER A 846 -5.43 48.92 11.49
N LEU A 847 -6.74 48.72 11.66
CA LEU A 847 -7.69 49.76 11.27
C LEU A 847 -7.78 50.87 12.29
N ILE A 848 -7.26 50.66 13.51
CA ILE A 848 -7.43 51.67 14.55
C ILE A 848 -6.23 52.62 14.58
N TYR A 849 -5.13 52.23 13.92
CA TYR A 849 -3.94 53.08 13.94
C TYR A 849 -3.75 53.79 12.60
N GLY A 850 -3.87 53.06 11.49
CA GLY A 850 -3.86 53.67 10.18
C GLY A 850 -4.79 52.96 9.24
N TRP A 851 -5.76 53.68 8.67
CA TRP A 851 -6.82 53.01 7.95
C TRP A 851 -6.72 53.25 6.44
N GLN A 852 -6.03 54.32 6.02
CA GLN A 852 -5.77 54.50 4.60
C GLN A 852 -4.94 53.36 4.04
N LEU A 853 -3.88 52.96 4.76
CA LEU A 853 -2.98 51.94 4.25
C LEU A 853 -3.66 50.57 4.23
N THR A 854 -4.50 50.29 5.23
CA THR A 854 -5.14 48.99 5.36
C THR A 854 -5.99 48.65 4.14
N LEU A 855 -6.39 49.64 3.34
CA LEU A 855 -7.15 49.38 2.12
C LEU A 855 -6.40 48.46 1.17
N LEU A 856 -5.06 48.49 1.18
CA LEU A 856 -4.33 47.63 0.26
C LEU A 856 -4.60 46.16 0.58
N LEU A 857 -4.97 45.88 1.83
CA LEU A 857 -5.37 44.53 2.20
C LEU A 857 -6.58 44.07 1.40
N LEU A 858 -7.56 44.96 1.21
CA LEU A 858 -8.73 44.61 0.42
C LEU A 858 -8.36 44.48 -1.05
N ALA A 859 -7.09 44.68 -1.36
CA ALA A 859 -6.55 44.40 -2.70
C ALA A 859 -5.41 43.39 -2.70
N ILE A 860 -4.87 42.98 -1.55
CA ILE A 860 -3.76 42.04 -1.57
C ILE A 860 -4.23 40.63 -1.27
N VAL A 861 -5.20 40.45 -0.36
CA VAL A 861 -5.70 39.12 -0.07
C VAL A 861 -6.60 38.59 -1.19
N PRO A 862 -7.35 39.42 -1.94
CA PRO A 862 -7.87 38.93 -3.21
C PRO A 862 -6.83 38.27 -4.09
N ILE A 863 -5.80 39.03 -4.47
CA ILE A 863 -4.92 38.59 -5.55
C ILE A 863 -4.15 37.33 -5.16
N ILE A 864 -3.59 37.29 -3.96
CA ILE A 864 -2.92 36.07 -3.52
C ILE A 864 -3.89 34.91 -3.55
N ALA A 865 -5.14 35.14 -3.13
CA ALA A 865 -6.15 34.09 -3.20
C ALA A 865 -6.39 33.64 -4.63
N ILE A 866 -6.46 34.58 -5.58
CA ILE A 866 -6.73 34.16 -6.95
C ILE A 866 -5.52 33.51 -7.58
N ALA A 867 -4.41 33.40 -6.84
CA ALA A 867 -3.36 32.47 -7.25
C ALA A 867 -3.79 31.03 -7.00
N GLY A 868 -4.24 30.75 -5.77
CA GLY A 868 -4.58 29.38 -5.41
C GLY A 868 -5.61 28.78 -6.35
N VAL A 869 -6.63 29.56 -6.71
CA VAL A 869 -7.67 29.05 -7.58
C VAL A 869 -7.08 28.65 -8.94
N VAL A 870 -6.20 29.48 -9.50
CA VAL A 870 -5.68 29.15 -10.83
C VAL A 870 -4.73 27.95 -10.73
N GLU A 871 -4.40 27.54 -9.50
CA GLU A 871 -3.85 26.22 -9.30
C GLU A 871 -4.96 25.19 -9.16
N MET A 872 -5.88 25.41 -8.22
CA MET A 872 -6.90 24.42 -7.90
C MET A 872 -7.80 24.15 -9.11
N LYS A 873 -8.17 25.20 -9.83
CA LYS A 873 -8.96 25.02 -11.04
C LYS A 873 -8.17 24.25 -12.10
N MET A 874 -6.88 24.54 -12.21
CA MET A 874 -6.10 23.97 -13.32
C MET A 874 -5.48 22.64 -12.91
N LEU A 875 -5.59 22.26 -11.64
CA LEU A 875 -5.24 20.92 -11.18
C LEU A 875 -6.40 20.32 -10.39
N SER A 876 -7.62 20.45 -10.89
CA SER A 876 -8.80 20.01 -10.14
C SER A 876 -8.98 18.50 -10.22
N GLY A 877 -9.21 17.97 -11.42
CA GLY A 877 -9.51 16.57 -11.60
C GLY A 877 -8.33 15.63 -11.58
N GLN A 878 -7.11 16.15 -11.61
CA GLN A 878 -5.93 15.30 -11.71
C GLN A 878 -5.87 14.30 -10.56
N ALA A 879 -6.27 14.72 -9.35
CA ALA A 879 -6.27 13.81 -8.22
C ALA A 879 -7.13 12.59 -8.48
N LEU A 880 -8.29 12.79 -9.11
CA LEU A 880 -9.13 11.64 -9.48
C LEU A 880 -8.43 10.74 -10.48
N LYS A 881 -7.68 11.31 -11.43
CA LYS A 881 -6.86 10.51 -12.32
C LYS A 881 -5.54 10.10 -11.69
N ASP A 882 -5.24 10.60 -10.48
CA ASP A 882 -4.09 10.13 -9.71
C ASP A 882 -4.49 9.17 -8.60
N LYS A 883 -5.78 9.01 -8.33
CA LYS A 883 -6.24 8.08 -7.30
C LYS A 883 -6.64 6.74 -7.91
N LYS A 884 -7.42 6.76 -8.98
CA LYS A 884 -7.83 5.53 -9.65
C LYS A 884 -6.68 4.83 -10.34
N GLU A 885 -5.76 5.60 -10.96
CA GLU A 885 -4.60 4.98 -11.58
C GLU A 885 -3.63 4.44 -10.55
N LEU A 886 -3.55 5.09 -9.39
CA LEU A 886 -2.70 4.58 -8.31
C LEU A 886 -3.18 3.20 -7.85
N GLU A 887 -4.50 3.02 -7.75
CA GLU A 887 -5.05 1.69 -7.50
C GLU A 887 -4.71 0.74 -8.63
N GLY A 888 -4.60 1.24 -9.87
CA GLY A 888 -4.27 0.39 -10.98
C GLY A 888 -2.87 -0.20 -10.87
N SER A 889 -1.87 0.65 -10.62
CA SER A 889 -0.50 0.17 -10.55
C SER A 889 -0.32 -0.84 -9.43
N GLY A 890 -0.88 -0.56 -8.26
CA GLY A 890 -0.80 -1.51 -7.15
C GLY A 890 -1.46 -2.82 -7.47
N LYS A 891 -2.33 -2.84 -8.49
CA LYS A 891 -2.90 -4.10 -8.95
C LYS A 891 -1.88 -4.92 -9.72
N ILE A 892 -1.09 -4.28 -10.60
CA ILE A 892 -0.05 -5.02 -11.31
C ILE A 892 1.00 -5.55 -10.35
N ALA A 893 1.41 -4.72 -9.39
CA ALA A 893 2.40 -5.17 -8.41
C ALA A 893 1.88 -6.34 -7.59
N THR A 894 0.68 -6.21 -7.03
CA THR A 894 0.13 -7.26 -6.18
C THR A 894 -0.07 -8.55 -6.96
N GLU A 895 -0.55 -8.46 -8.20
CA GLU A 895 -0.63 -9.66 -9.03
C GLU A 895 0.76 -10.22 -9.31
N ALA A 896 1.75 -9.35 -9.49
CA ALA A 896 3.11 -9.81 -9.78
C ALA A 896 3.78 -10.39 -8.53
N ILE A 897 3.63 -9.70 -7.40
CA ILE A 897 4.35 -10.11 -6.19
C ILE A 897 3.75 -11.39 -5.61
N GLU A 898 2.43 -11.42 -5.44
CA GLU A 898 1.80 -12.57 -4.79
C GLU A 898 1.73 -13.78 -5.70
N ASN A 899 1.88 -13.61 -7.01
CA ASN A 899 1.87 -14.71 -7.95
C ASN A 899 3.22 -14.85 -8.63
N PHE A 900 4.30 -14.69 -7.85
CA PHE A 900 5.64 -14.64 -8.42
C PHE A 900 6.05 -15.96 -9.03
N ARG A 901 5.65 -17.08 -8.42
CA ARG A 901 6.03 -18.39 -8.94
C ARG A 901 5.46 -18.61 -10.34
N THR A 902 4.19 -18.26 -10.55
CA THR A 902 3.58 -18.43 -11.87
C THR A 902 4.21 -17.50 -12.89
N VAL A 903 4.52 -16.26 -12.49
CA VAL A 903 5.16 -15.32 -13.39
C VAL A 903 6.53 -15.83 -13.81
N VAL A 904 7.31 -16.32 -12.85
CA VAL A 904 8.64 -16.83 -13.14
C VAL A 904 8.57 -18.06 -14.04
N SER A 905 7.64 -18.97 -13.75
CA SER A 905 7.51 -20.16 -14.57
C SER A 905 7.14 -19.83 -16.01
N LEU A 906 6.39 -18.76 -16.22
CA LEU A 906 6.02 -18.33 -17.56
C LEU A 906 6.99 -17.30 -18.13
N THR A 907 7.97 -16.85 -17.35
CA THR A 907 8.92 -15.82 -17.76
C THR A 907 8.21 -14.55 -18.21
N ARG A 908 7.19 -14.15 -17.45
CA ARG A 908 6.41 -12.97 -17.75
C ARG A 908 6.79 -11.77 -16.89
N GLU A 909 7.99 -11.78 -16.32
CA GLU A 909 8.43 -10.65 -15.50
C GLU A 909 8.56 -9.38 -16.33
N GLN A 910 9.10 -9.51 -17.55
CA GLN A 910 9.23 -8.34 -18.41
C GLN A 910 7.87 -7.77 -18.79
N LYS A 911 6.89 -8.63 -19.03
CA LYS A 911 5.53 -8.17 -19.32
C LYS A 911 4.97 -7.38 -18.17
N PHE A 912 5.19 -7.85 -16.94
CA PHE A 912 4.69 -7.13 -15.77
C PHE A 912 5.44 -5.83 -15.55
N GLU A 913 6.73 -5.79 -15.84
CA GLU A 913 7.45 -4.51 -15.81
C GLU A 913 6.87 -3.52 -16.80
N THR A 914 6.57 -3.98 -18.02
CA THR A 914 5.96 -3.11 -19.02
C THR A 914 4.60 -2.61 -18.55
N MET A 915 3.78 -3.50 -18.01
CA MET A 915 2.46 -3.13 -17.50
C MET A 915 2.53 -2.17 -16.32
N TYR A 916 3.54 -2.30 -15.46
CA TYR A 916 3.76 -1.38 -14.36
C TYR A 916 4.23 0.00 -14.82
N ALA A 917 5.16 0.04 -15.77
CA ALA A 917 5.61 1.32 -16.32
C ALA A 917 4.47 2.05 -17.02
N GLN A 918 3.66 1.30 -17.79
CA GLN A 918 2.54 1.92 -18.51
C GLN A 918 1.55 2.55 -17.53
N SER A 919 1.26 1.87 -16.43
CA SER A 919 0.40 2.42 -15.39
C SER A 919 1.06 3.57 -14.64
N LEU A 920 2.39 3.58 -14.53
CA LEU A 920 3.11 4.67 -13.89
C LEU A 920 3.21 5.92 -14.75
N GLN A 921 3.05 5.81 -16.06
CA GLN A 921 3.24 6.96 -16.93
C GLN A 921 2.31 8.11 -16.58
N ILE A 922 1.03 7.84 -16.35
CA ILE A 922 0.05 8.90 -16.10
C ILE A 922 0.37 9.64 -14.80
N PRO A 923 0.62 8.97 -13.67
CA PRO A 923 1.09 9.71 -12.49
C PRO A 923 2.40 10.45 -12.73
N TYR A 924 3.29 9.88 -13.54
CA TYR A 924 4.55 10.56 -13.85
C TYR A 924 4.30 11.90 -14.53
N ARG A 925 3.46 11.90 -15.58
CA ARG A 925 3.16 13.15 -16.27
C ARG A 925 2.42 14.12 -15.36
N ASN A 926 1.49 13.61 -14.56
CA ASN A 926 0.79 14.48 -13.61
C ASN A 926 1.69 15.01 -12.51
N ALA A 927 2.86 14.40 -12.29
CA ALA A 927 3.80 14.86 -11.28
C ALA A 927 4.79 15.88 -11.81
N MET A 928 5.06 15.87 -13.11
CA MET A 928 5.90 16.89 -13.74
C MET A 928 5.08 18.06 -14.27
N LYS A 929 3.76 17.96 -14.24
CA LYS A 929 2.90 19.09 -14.57
C LYS A 929 2.52 19.81 -13.28
N LYS A 930 2.40 19.06 -12.19
CA LYS A 930 2.14 19.64 -10.88
C LYS A 930 3.36 20.40 -10.38
N ALA A 931 4.55 19.94 -10.79
CA ALA A 931 5.79 20.58 -10.35
C ALA A 931 5.93 22.00 -10.89
N HIS A 932 5.71 22.20 -12.18
CA HIS A 932 5.79 23.56 -12.75
C HIS A 932 4.73 24.47 -12.13
N VAL A 933 3.52 23.95 -11.95
CA VAL A 933 2.44 24.74 -11.41
C VAL A 933 2.75 25.16 -9.96
N PHE A 934 3.26 24.22 -9.17
CA PHE A 934 3.65 24.53 -7.80
C PHE A 934 4.79 25.53 -7.78
N GLY A 935 5.75 25.42 -8.70
CA GLY A 935 6.82 26.39 -8.76
C GLY A 935 6.32 27.79 -9.06
N ILE A 936 5.40 27.90 -10.03
CA ILE A 936 4.83 29.21 -10.37
C ILE A 936 4.06 29.76 -9.18
N THR A 937 3.28 28.92 -8.51
CA THR A 937 2.51 29.38 -7.35
C THR A 937 3.42 29.87 -6.24
N PHE A 938 4.47 29.12 -5.92
CA PHE A 938 5.41 29.53 -4.89
C PHE A 938 6.11 30.83 -5.28
N SER A 939 6.52 30.94 -6.53
CA SER A 939 7.18 32.16 -6.99
C SER A 939 6.27 33.36 -6.85
N PHE A 940 5.00 33.21 -7.24
CA PHE A 940 4.06 34.31 -7.15
C PHE A 940 3.82 34.69 -5.68
N THR A 941 3.60 33.70 -4.83
CA THR A 941 3.26 33.99 -3.44
C THR A 941 4.45 34.60 -2.70
N GLN A 942 5.68 34.27 -3.13
CA GLN A 942 6.85 34.86 -2.49
C GLN A 942 7.16 36.23 -3.06
N ALA A 943 6.93 36.43 -4.36
CA ALA A 943 7.21 37.72 -4.97
C ALA A 943 6.18 38.76 -4.57
N MET A 944 4.97 38.34 -4.23
CA MET A 944 3.99 39.31 -3.75
C MET A 944 4.38 39.89 -2.40
N MET A 945 5.11 39.13 -1.57
CA MET A 945 5.67 39.71 -0.35
C MET A 945 6.57 40.90 -0.68
N TYR A 946 7.48 40.71 -1.64
CA TYR A 946 8.46 41.75 -1.92
C TYR A 946 7.80 42.92 -2.64
N PHE A 947 6.81 42.64 -3.49
CA PHE A 947 6.04 43.72 -4.11
C PHE A 947 5.23 44.49 -3.09
N SER A 948 4.68 43.79 -2.08
CA SER A 948 3.91 44.45 -1.04
C SER A 948 4.79 45.33 -0.17
N TYR A 949 6.06 44.94 -0.01
CA TYR A 949 7.02 45.81 0.72
C TYR A 949 7.02 47.18 0.03
N ALA A 950 7.32 47.19 -1.28
CA ALA A 950 7.40 48.44 -2.02
C ALA A 950 6.07 49.18 -1.99
N ALA A 951 4.98 48.48 -2.32
CA ALA A 951 3.68 49.14 -2.40
C ALA A 951 3.27 49.77 -1.07
N ALA A 952 3.30 49.01 0.02
CA ALA A 952 2.92 49.49 1.34
C ALA A 952 3.79 50.65 1.79
N PHE A 953 5.11 50.52 1.70
CA PHE A 953 5.97 51.58 2.22
C PHE A 953 5.89 52.83 1.36
N ARG A 954 5.82 52.66 0.04
CA ARG A 954 5.69 53.83 -0.84
C ARG A 954 4.37 54.55 -0.62
N PHE A 955 3.28 53.80 -0.43
CA PHE A 955 1.99 54.43 -0.21
C PHE A 955 1.91 55.06 1.17
N GLY A 956 2.61 54.48 2.15
CA GLY A 956 2.67 55.06 3.48
C GLY A 956 3.49 56.33 3.50
N ALA A 957 4.46 56.42 2.60
CA ALA A 957 5.21 57.66 2.41
C ALA A 957 4.34 58.83 2.01
N TYR A 958 3.39 58.63 1.09
CA TYR A 958 2.44 59.66 0.72
C TYR A 958 1.58 60.05 1.93
N LEU A 959 1.21 59.05 2.74
CA LEU A 959 0.43 59.30 3.94
C LEU A 959 1.20 60.19 4.91
N VAL A 960 2.50 59.93 5.05
CA VAL A 960 3.34 60.77 5.91
C VAL A 960 3.47 62.16 5.31
N THR A 961 3.51 62.25 3.98
CA THR A 961 3.62 63.55 3.32
C THR A 961 2.43 64.44 3.67
N GLN A 962 1.22 63.88 3.68
CA GLN A 962 0.02 64.60 4.07
C GLN A 962 -0.16 64.68 5.57
N GLN A 963 0.86 64.31 6.35
CA GLN A 963 0.83 64.35 7.81
C GLN A 963 -0.34 63.59 8.41
N LEU A 964 -0.62 62.39 7.90
CA LEU A 964 -1.70 61.58 8.44
C LEU A 964 -1.20 60.36 9.22
N MET A 965 0.02 59.89 8.96
CA MET A 965 0.56 58.72 9.62
C MET A 965 2.05 58.93 9.88
N THR A 966 2.58 58.15 10.81
CA THR A 966 4.00 58.15 11.13
C THR A 966 4.57 56.76 10.88
N PHE A 967 5.87 56.60 11.18
CA PHE A 967 6.51 55.31 10.97
C PHE A 967 5.91 54.23 11.87
N GLU A 968 5.57 54.58 13.11
CA GLU A 968 4.95 53.61 14.00
C GLU A 968 3.68 53.04 13.38
N ASN A 969 2.80 53.92 12.92
CA ASN A 969 1.52 53.48 12.36
C ASN A 969 1.71 52.67 11.08
N VAL A 970 2.49 53.20 10.13
CA VAL A 970 2.67 52.51 8.86
C VAL A 970 3.37 51.18 9.04
N LEU A 971 4.40 51.12 9.89
CA LEU A 971 5.09 49.87 10.18
C LEU A 971 4.19 48.86 10.86
N LEU A 972 3.38 49.30 11.82
CA LEU A 972 2.47 48.38 12.51
C LEU A 972 1.46 47.80 11.53
N VAL A 973 0.80 48.67 10.75
CA VAL A 973 -0.22 48.17 9.84
C VAL A 973 0.39 47.30 8.76
N PHE A 974 1.61 47.62 8.32
CA PHE A 974 2.30 46.79 7.34
C PHE A 974 2.58 45.41 7.93
N SER A 975 3.22 45.36 9.10
CA SER A 975 3.54 44.08 9.71
C SER A 975 2.30 43.26 10.00
N ALA A 976 1.16 43.91 10.26
CA ALA A 976 -0.07 43.17 10.42
C ALA A 976 -0.58 42.62 9.09
N ILE A 977 -0.90 43.52 8.16
CA ILE A 977 -1.69 43.17 6.98
C ILE A 977 -0.88 42.36 5.98
N VAL A 978 0.40 42.70 5.77
CA VAL A 978 1.18 41.99 4.76
C VAL A 978 1.41 40.54 5.17
N PHE A 979 1.76 40.31 6.44
CA PHE A 979 1.95 38.93 6.88
C PHE A 979 0.63 38.20 7.08
N GLY A 980 -0.47 38.91 7.34
CA GLY A 980 -1.77 38.26 7.27
C GLY A 980 -2.10 37.79 5.88
N ALA A 981 -1.79 38.63 4.87
CA ALA A 981 -1.96 38.23 3.48
C ALA A 981 -1.06 37.04 3.15
N MET A 982 0.16 37.04 3.65
CA MET A 982 1.02 35.89 3.39
C MET A 982 0.55 34.62 4.09
N ALA A 983 -0.08 34.73 5.27
CA ALA A 983 -0.69 33.60 5.95
C ALA A 983 -1.88 33.04 5.19
N VAL A 984 -2.80 33.90 4.73
CA VAL A 984 -3.86 33.41 3.86
C VAL A 984 -3.31 32.94 2.51
N GLY A 985 -2.10 33.37 2.14
CA GLY A 985 -1.44 32.78 1.00
C GLY A 985 -1.12 31.31 1.21
N GLN A 986 -0.60 30.98 2.39
CA GLN A 986 -0.39 29.57 2.74
C GLN A 986 -1.73 28.84 2.81
N VAL A 987 -2.76 29.51 3.32
CA VAL A 987 -4.10 28.92 3.38
C VAL A 987 -4.58 28.55 1.98
N SER A 988 -4.36 29.44 1.01
CA SER A 988 -4.75 29.14 -0.36
C SER A 988 -3.82 28.11 -1.00
N SER A 989 -2.56 28.07 -0.56
CA SER A 989 -1.59 27.17 -1.18
C SER A 989 -1.81 25.73 -0.76
N PHE A 990 -2.25 25.49 0.48
CA PHE A 990 -2.46 24.10 0.90
C PHE A 990 -3.78 23.53 0.42
N ALA A 991 -4.56 24.31 -0.35
CA ALA A 991 -5.87 23.91 -0.86
C ALA A 991 -5.87 22.58 -1.62
N PRO A 992 -4.84 22.27 -2.42
CA PRO A 992 -4.79 20.93 -3.03
C PRO A 992 -4.86 19.80 -2.01
N ASP A 993 -4.25 19.97 -0.84
CA ASP A 993 -4.35 18.95 0.20
C ASP A 993 -5.80 18.81 0.67
N TYR A 994 -6.51 19.93 0.82
CA TYR A 994 -7.92 19.87 1.18
C TYR A 994 -8.75 19.17 0.12
N ALA A 995 -8.49 19.45 -1.16
CA ALA A 995 -9.22 18.78 -2.23
C ALA A 995 -8.95 17.28 -2.24
N LYS A 996 -7.68 16.88 -2.06
CA LYS A 996 -7.34 15.47 -2.02
C LYS A 996 -8.01 14.78 -0.84
N ALA A 997 -8.01 15.42 0.32
CA ALA A 997 -8.71 14.87 1.48
C ALA A 997 -10.21 14.74 1.25
N THR A 998 -10.85 15.75 0.67
CA THR A 998 -12.28 15.67 0.38
C THR A 998 -12.59 14.53 -0.58
N VAL A 999 -11.76 14.35 -1.61
CA VAL A 999 -11.93 13.21 -2.50
C VAL A 999 -11.78 11.91 -1.73
N SER A 1000 -10.75 11.81 -0.89
CA SER A 1000 -10.56 10.61 -0.08
C SER A 1000 -11.66 10.46 0.97
N ALA A 1001 -12.08 11.57 1.58
CA ALA A 1001 -13.12 11.53 2.60
C ALA A 1001 -14.44 11.04 2.06
N SER A 1002 -14.82 11.45 0.84
CA SER A 1002 -16.06 10.97 0.25
C SER A 1002 -16.06 9.45 0.15
N HIS A 1003 -14.98 8.88 -0.36
CA HIS A 1003 -14.88 7.43 -0.49
C HIS A 1003 -14.85 6.74 0.87
N ILE A 1004 -14.16 7.33 1.85
CA ILE A 1004 -14.10 6.72 3.18
C ILE A 1004 -15.49 6.65 3.79
N ILE A 1005 -16.22 7.77 3.77
CA ILE A 1005 -17.58 7.76 4.29
C ILE A 1005 -18.48 6.83 3.48
N ARG A 1006 -18.28 6.76 2.17
CA ARG A 1006 -19.10 5.88 1.34
C ARG A 1006 -18.90 4.42 1.72
N ILE A 1007 -17.65 4.01 1.96
CA ILE A 1007 -17.39 2.61 2.27
C ILE A 1007 -17.79 2.29 3.70
N ILE A 1008 -17.76 3.29 4.60
CA ILE A 1008 -18.19 3.05 5.96
C ILE A 1008 -19.70 2.86 6.02
N GLU A 1009 -20.46 3.66 5.27
CA GLU A 1009 -21.91 3.65 5.40
C GLU A 1009 -22.54 2.48 4.65
N LYS A 1010 -21.79 1.80 3.80
CA LYS A 1010 -22.35 0.74 2.96
C LYS A 1010 -22.90 -0.39 3.82
N THR A 1011 -24.10 -0.85 3.47
CA THR A 1011 -24.75 -1.93 4.20
C THR A 1011 -24.84 -3.17 3.32
N PRO A 1012 -24.23 -4.28 3.70
CA PRO A 1012 -24.35 -5.50 2.89
C PRO A 1012 -25.75 -6.07 2.94
N GLU A 1013 -26.11 -6.82 1.89
CA GLU A 1013 -27.38 -7.51 1.86
C GLU A 1013 -27.41 -8.64 2.88
N ILE A 1014 -26.36 -9.47 2.90
CA ILE A 1014 -26.22 -10.53 3.88
C ILE A 1014 -25.22 -10.00 4.92
N ASP A 1015 -25.76 -9.37 5.96
CA ASP A 1015 -24.92 -8.71 6.95
C ASP A 1015 -24.41 -9.74 7.95
N SER A 1016 -23.11 -10.00 7.92
CA SER A 1016 -22.51 -10.95 8.85
C SER A 1016 -22.58 -10.46 10.30
N TYR A 1017 -22.32 -9.17 10.52
CA TYR A 1017 -22.26 -8.63 11.87
C TYR A 1017 -23.62 -8.51 12.53
N SER A 1018 -24.71 -8.57 11.77
CA SER A 1018 -26.03 -8.38 12.35
C SER A 1018 -26.37 -9.52 13.30
N THR A 1019 -26.76 -9.17 14.51
CA THR A 1019 -27.20 -10.13 15.51
C THR A 1019 -28.70 -10.38 15.46
N GLN A 1020 -29.41 -9.75 14.52
CA GLN A 1020 -30.85 -9.93 14.38
C GLN A 1020 -31.09 -11.15 13.51
N GLY A 1021 -31.47 -12.25 14.12
CA GLY A 1021 -31.72 -13.49 13.42
C GLY A 1021 -32.06 -14.63 14.36
N LEU A 1022 -32.86 -15.58 13.88
CA LEU A 1022 -33.27 -16.69 14.73
C LEU A 1022 -32.11 -17.65 14.94
N LYS A 1023 -31.88 -18.00 16.20
CA LYS A 1023 -30.80 -18.91 16.60
C LYS A 1023 -31.42 -20.15 17.23
N PRO A 1024 -31.59 -21.22 16.45
CA PRO A 1024 -32.13 -22.46 17.02
C PRO A 1024 -31.31 -23.00 18.18
N ASN A 1025 -31.98 -23.51 19.23
CA ASN A 1025 -31.25 -24.10 20.33
C ASN A 1025 -30.76 -25.51 19.99
N MET A 1026 -31.53 -26.26 19.23
CA MET A 1026 -31.18 -27.61 18.80
C MET A 1026 -31.13 -27.68 17.28
N LEU A 1027 -30.13 -28.36 16.75
CA LEU A 1027 -30.00 -28.50 15.31
C LEU A 1027 -30.01 -29.99 14.96
N GLU A 1028 -30.89 -30.37 14.04
CA GLU A 1028 -31.07 -31.77 13.68
C GLU A 1028 -30.37 -32.15 12.38
N GLY A 1029 -29.63 -31.23 11.76
CA GLY A 1029 -28.87 -31.56 10.57
C GLY A 1029 -29.69 -31.93 9.36
N ASN A 1030 -30.78 -31.21 9.08
CA ASN A 1030 -31.63 -31.50 7.93
C ASN A 1030 -31.35 -30.45 6.86
N VAL A 1031 -30.75 -30.86 5.75
CA VAL A 1031 -30.41 -29.92 4.68
C VAL A 1031 -31.29 -30.22 3.48
N GLN A 1032 -31.97 -29.18 2.99
CA GLN A 1032 -32.91 -29.30 1.87
C GLN A 1032 -32.65 -28.18 0.87
N PHE A 1033 -32.70 -28.51 -0.40
CA PHE A 1033 -32.68 -27.54 -1.50
C PHE A 1033 -33.93 -27.74 -2.32
N SER A 1034 -34.86 -26.79 -2.24
CA SER A 1034 -36.15 -26.89 -2.91
C SER A 1034 -36.17 -25.89 -4.07
N GLY A 1035 -35.95 -26.41 -5.28
CA GLY A 1035 -36.06 -25.62 -6.49
C GLY A 1035 -35.16 -24.40 -6.55
N VAL A 1036 -33.91 -24.55 -6.14
CA VAL A 1036 -33.00 -23.41 -6.03
C VAL A 1036 -32.53 -23.00 -7.42
N VAL A 1037 -32.70 -21.73 -7.74
CA VAL A 1037 -32.20 -21.13 -8.98
C VAL A 1037 -31.24 -20.01 -8.59
N PHE A 1038 -30.01 -20.10 -9.08
CA PHE A 1038 -28.99 -19.14 -8.72
C PHE A 1038 -28.17 -18.74 -9.94
N ASN A 1039 -27.91 -17.43 -10.04
CA ASN A 1039 -27.01 -16.88 -11.04
C ASN A 1039 -25.99 -15.99 -10.33
N TYR A 1040 -24.71 -16.17 -10.65
CA TYR A 1040 -23.68 -15.37 -10.00
C TYR A 1040 -23.78 -13.91 -10.43
N PRO A 1041 -23.52 -12.98 -9.51
CA PRO A 1041 -23.65 -11.55 -9.85
C PRO A 1041 -22.74 -11.09 -10.96
N THR A 1042 -21.54 -11.64 -11.09
CA THR A 1042 -20.61 -11.24 -12.14
C THR A 1042 -21.02 -11.73 -13.51
N ARG A 1043 -21.79 -12.82 -13.59
CA ARG A 1043 -22.35 -13.30 -14.85
C ARG A 1043 -23.83 -13.57 -14.64
N PRO A 1044 -24.63 -12.53 -14.42
CA PRO A 1044 -26.05 -12.73 -14.08
C PRO A 1044 -26.87 -13.33 -15.20
N SER A 1045 -26.47 -13.13 -16.46
CA SER A 1045 -27.17 -13.73 -17.60
C SER A 1045 -27.08 -15.25 -17.57
N ILE A 1046 -25.94 -15.79 -17.15
CA ILE A 1046 -25.71 -17.23 -17.13
C ILE A 1046 -26.50 -17.85 -15.97
N PRO A 1047 -27.38 -18.81 -16.25
CA PRO A 1047 -27.99 -19.58 -15.15
C PRO A 1047 -27.07 -20.71 -14.72
N VAL A 1048 -26.93 -20.89 -13.42
CA VAL A 1048 -26.03 -21.91 -12.87
C VAL A 1048 -26.83 -23.11 -12.43
N LEU A 1049 -27.85 -22.89 -11.59
CA LEU A 1049 -28.70 -23.94 -11.07
C LEU A 1049 -30.12 -23.71 -11.55
N GLN A 1050 -30.77 -24.76 -12.04
CA GLN A 1050 -32.13 -24.68 -12.56
C GLN A 1050 -33.03 -25.54 -11.67
N GLY A 1051 -33.53 -24.94 -10.59
CA GLY A 1051 -34.46 -25.61 -9.70
C GLY A 1051 -33.88 -26.84 -9.04
N LEU A 1052 -32.66 -26.73 -8.52
CA LEU A 1052 -31.97 -27.87 -7.93
C LEU A 1052 -32.63 -28.24 -6.61
N SER A 1053 -33.05 -29.50 -6.49
CA SER A 1053 -33.73 -30.00 -5.30
C SER A 1053 -32.97 -31.23 -4.80
N LEU A 1054 -32.56 -31.19 -3.53
CA LEU A 1054 -31.85 -32.30 -2.92
C LEU A 1054 -32.15 -32.34 -1.43
N GLU A 1055 -31.93 -33.52 -0.84
CA GLU A 1055 -32.17 -33.73 0.58
C GLU A 1055 -31.02 -34.54 1.17
N VAL A 1056 -30.52 -34.10 2.32
CA VAL A 1056 -29.59 -34.89 3.10
C VAL A 1056 -29.97 -34.82 4.58
N LYS A 1057 -29.94 -35.96 5.24
CA LYS A 1057 -30.42 -36.18 6.60
C LYS A 1057 -29.22 -36.34 7.53
N LYS A 1058 -29.47 -36.11 8.83
CA LYS A 1058 -28.45 -36.35 9.84
C LYS A 1058 -27.98 -37.80 9.80
N GLY A 1059 -26.67 -37.99 9.77
CA GLY A 1059 -26.08 -39.30 9.67
C GLY A 1059 -26.03 -39.87 8.26
N GLN A 1060 -26.54 -39.15 7.27
CA GLN A 1060 -26.52 -39.57 5.88
C GLN A 1060 -25.40 -38.86 5.13
N THR A 1061 -24.75 -39.57 4.22
CA THR A 1061 -23.70 -39.01 3.40
C THR A 1061 -24.22 -38.78 1.99
N LEU A 1062 -24.17 -37.54 1.53
CA LEU A 1062 -24.62 -37.17 0.20
C LEU A 1062 -23.42 -36.79 -0.64
N ALA A 1063 -23.28 -37.44 -1.79
CA ALA A 1063 -22.12 -37.25 -2.66
C ALA A 1063 -22.56 -36.58 -3.96
N LEU A 1064 -22.01 -35.40 -4.22
CA LEU A 1064 -22.31 -34.66 -5.44
C LEU A 1064 -21.27 -35.02 -6.51
N VAL A 1065 -21.74 -35.42 -7.69
CA VAL A 1065 -20.87 -35.76 -8.80
C VAL A 1065 -21.39 -35.10 -10.06
N GLY A 1066 -20.55 -35.05 -11.08
CA GLY A 1066 -20.94 -34.46 -12.34
C GLY A 1066 -19.70 -33.98 -13.10
N SER A 1067 -19.97 -33.18 -14.13
CA SER A 1067 -18.92 -32.62 -14.97
C SER A 1067 -18.46 -31.29 -14.41
N SER A 1068 -17.35 -30.79 -14.94
CA SER A 1068 -16.82 -29.50 -14.52
C SER A 1068 -17.80 -28.39 -14.88
N GLY A 1069 -18.05 -27.49 -13.94
CA GLY A 1069 -18.99 -26.41 -14.12
C GLY A 1069 -20.44 -26.77 -13.89
N GLY A 1070 -20.73 -27.98 -13.41
CA GLY A 1070 -22.12 -28.37 -13.20
C GLY A 1070 -22.80 -27.55 -12.12
N GLY A 1071 -22.07 -27.21 -11.07
CA GLY A 1071 -22.63 -26.44 -9.98
C GLY A 1071 -22.49 -27.12 -8.64
N LYS A 1072 -21.56 -28.07 -8.55
CA LYS A 1072 -21.37 -28.80 -7.29
C LYS A 1072 -20.82 -27.89 -6.20
N SER A 1073 -19.83 -27.06 -6.53
CA SER A 1073 -19.29 -26.12 -5.57
C SER A 1073 -20.27 -24.99 -5.26
N THR A 1074 -21.20 -24.73 -6.17
CA THR A 1074 -22.15 -23.63 -6.03
C THR A 1074 -23.08 -23.82 -4.84
N VAL A 1075 -23.60 -25.05 -4.67
CA VAL A 1075 -24.53 -25.32 -3.59
C VAL A 1075 -23.81 -25.26 -2.26
N VAL A 1076 -22.54 -25.66 -2.23
CA VAL A 1076 -21.70 -25.55 -1.05
C VAL A 1076 -21.54 -24.08 -0.73
N GLN A 1077 -21.35 -23.25 -1.75
CA GLN A 1077 -21.30 -21.81 -1.58
C GLN A 1077 -22.66 -21.21 -1.23
N LEU A 1078 -23.75 -21.96 -1.43
CA LEU A 1078 -25.08 -21.50 -1.08
C LEU A 1078 -25.51 -21.91 0.33
N LEU A 1079 -24.96 -22.99 0.86
CA LEU A 1079 -25.21 -23.37 2.24
C LEU A 1079 -24.48 -22.49 3.25
N GLU A 1080 -23.30 -21.97 2.87
CA GLU A 1080 -22.60 -20.97 3.65
C GLU A 1080 -23.28 -19.61 3.61
N ARG A 1081 -24.30 -19.46 2.77
CA ARG A 1081 -24.95 -18.18 2.49
C ARG A 1081 -23.94 -17.14 2.00
N PHE A 1082 -23.00 -17.57 1.15
CA PHE A 1082 -22.17 -16.60 0.43
C PHE A 1082 -23.02 -15.76 -0.51
N TYR A 1083 -24.01 -16.38 -1.14
CA TYR A 1083 -24.94 -15.70 -2.03
C TYR A 1083 -26.36 -16.11 -1.66
N ASP A 1084 -27.30 -15.22 -1.95
CA ASP A 1084 -28.71 -15.53 -1.72
C ASP A 1084 -29.34 -16.08 -2.99
N PRO A 1085 -29.95 -17.27 -2.95
CA PRO A 1085 -30.59 -17.81 -4.14
C PRO A 1085 -31.70 -16.89 -4.64
N MET A 1086 -31.83 -16.81 -5.96
CA MET A 1086 -32.86 -15.96 -6.55
C MET A 1086 -34.24 -16.58 -6.42
N ALA A 1087 -34.42 -17.78 -6.99
CA ALA A 1087 -35.68 -18.50 -6.90
C ALA A 1087 -35.40 -19.87 -6.31
N GLY A 1088 -36.09 -20.19 -5.21
CA GLY A 1088 -35.86 -21.45 -4.52
C GLY A 1088 -35.62 -21.26 -3.04
N SER A 1089 -35.56 -22.36 -2.29
CA SER A 1089 -35.39 -22.29 -0.85
C SER A 1089 -34.29 -23.23 -0.40
N VAL A 1090 -33.55 -22.83 0.64
CA VAL A 1090 -32.61 -23.70 1.32
C VAL A 1090 -33.07 -23.84 2.77
N PHE A 1091 -33.28 -25.07 3.20
CA PHE A 1091 -33.89 -25.38 4.49
C PHE A 1091 -32.89 -26.08 5.39
N LEU A 1092 -32.77 -25.60 6.62
CA LEU A 1092 -31.99 -26.25 7.67
C LEU A 1092 -32.92 -26.59 8.82
N ASP A 1093 -33.04 -27.88 9.14
CA ASP A 1093 -33.87 -28.36 10.24
C ASP A 1093 -35.32 -27.88 10.10
N GLY A 1094 -35.79 -27.81 8.86
CA GLY A 1094 -37.16 -27.39 8.61
C GLY A 1094 -37.38 -25.89 8.59
N LYS A 1095 -36.35 -25.09 8.82
CA LYS A 1095 -36.44 -23.63 8.76
C LYS A 1095 -35.56 -23.13 7.64
N GLU A 1096 -36.10 -22.27 6.79
CA GLU A 1096 -35.36 -21.74 5.67
C GLU A 1096 -34.21 -20.85 6.15
N ILE A 1097 -33.03 -21.04 5.54
CA ILE A 1097 -31.81 -20.55 6.15
C ILE A 1097 -31.69 -19.03 6.14
N LYS A 1098 -32.54 -18.33 5.39
CA LYS A 1098 -32.43 -16.87 5.40
C LYS A 1098 -32.91 -16.27 6.72
N GLN A 1099 -33.79 -16.98 7.44
CA GLN A 1099 -34.26 -16.49 8.73
C GLN A 1099 -33.22 -16.71 9.82
N LEU A 1100 -32.39 -17.74 9.69
CA LEU A 1100 -31.38 -18.02 10.69
C LEU A 1100 -30.30 -16.96 10.69
N ASN A 1101 -29.65 -16.78 11.84
CA ASN A 1101 -28.52 -15.85 11.92
C ASN A 1101 -27.37 -16.39 11.08
N VAL A 1102 -26.80 -15.52 10.25
CA VAL A 1102 -25.80 -15.92 9.28
C VAL A 1102 -24.53 -16.42 9.97
N GLN A 1103 -24.11 -15.71 11.02
CA GLN A 1103 -22.95 -16.16 11.79
C GLN A 1103 -23.26 -17.48 12.49
N TRP A 1104 -24.45 -17.60 13.07
CA TRP A 1104 -24.85 -18.85 13.71
C TRP A 1104 -24.91 -19.98 12.70
N LEU A 1105 -25.46 -19.71 11.51
CA LEU A 1105 -25.51 -20.72 10.46
C LEU A 1105 -24.11 -21.18 10.07
N ARG A 1106 -23.19 -20.23 9.84
CA ARG A 1106 -21.83 -20.60 9.47
C ARG A 1106 -21.08 -21.28 10.60
N ALA A 1107 -21.52 -21.10 11.85
CA ALA A 1107 -20.79 -21.68 12.98
C ALA A 1107 -20.76 -23.21 12.94
N GLN A 1108 -21.85 -23.85 12.52
CA GLN A 1108 -21.93 -25.31 12.52
C GLN A 1108 -21.56 -25.93 11.18
N LEU A 1109 -21.03 -25.15 10.25
CA LEU A 1109 -20.60 -25.67 8.96
C LEU A 1109 -19.07 -25.76 8.92
N GLY A 1110 -18.57 -26.98 8.73
CA GLY A 1110 -17.14 -27.18 8.55
C GLY A 1110 -16.83 -27.42 7.09
N ILE A 1111 -16.25 -26.44 6.43
CA ILE A 1111 -16.10 -26.44 4.98
C ILE A 1111 -14.63 -26.59 4.61
N VAL A 1112 -14.34 -27.55 3.74
CA VAL A 1112 -13.05 -27.67 3.08
C VAL A 1112 -13.27 -27.31 1.62
N SER A 1113 -12.57 -26.28 1.15
CA SER A 1113 -12.77 -25.75 -0.18
C SER A 1113 -12.02 -26.58 -1.22
N GLN A 1114 -12.34 -26.33 -2.49
CA GLN A 1114 -11.65 -27.02 -3.58
C GLN A 1114 -10.17 -26.64 -3.62
N GLU A 1115 -9.87 -25.36 -3.42
CA GLU A 1115 -8.50 -24.88 -3.29
C GLU A 1115 -8.33 -24.38 -1.86
N PRO A 1116 -7.94 -25.26 -0.94
CA PRO A 1116 -7.79 -24.85 0.45
C PRO A 1116 -6.66 -23.85 0.63
N ILE A 1117 -6.99 -22.67 1.14
CA ILE A 1117 -6.02 -21.59 1.30
C ILE A 1117 -5.75 -21.41 2.79
N LEU A 1118 -4.47 -21.41 3.14
CA LEU A 1118 -4.02 -21.21 4.52
C LEU A 1118 -3.58 -19.76 4.69
N PHE A 1119 -2.99 -19.45 5.85
CA PHE A 1119 -2.50 -18.12 6.14
C PHE A 1119 -0.99 -18.21 6.39
N ASP A 1120 -0.35 -17.04 6.46
CA ASP A 1120 1.08 -16.95 6.74
C ASP A 1120 1.26 -17.00 8.25
N ARG A 1121 0.92 -18.14 8.84
CA ARG A 1121 0.94 -18.29 10.29
C ARG A 1121 1.44 -19.70 10.62
N SER A 1122 1.43 -20.03 11.91
CA SER A 1122 1.90 -21.34 12.34
C SER A 1122 0.91 -22.42 11.94
N ILE A 1123 1.42 -23.66 11.91
CA ILE A 1123 0.57 -24.80 11.57
C ILE A 1123 -0.58 -24.93 12.57
N ALA A 1124 -0.29 -24.81 13.86
CA ALA A 1124 -1.30 -24.91 14.90
C ALA A 1124 -2.25 -23.72 14.91
N GLU A 1125 -1.85 -22.59 14.32
CA GLU A 1125 -2.73 -21.44 14.23
C GLU A 1125 -3.70 -21.52 13.06
N ASN A 1126 -3.35 -22.24 12.00
CA ASN A 1126 -4.31 -22.49 10.94
C ASN A 1126 -5.35 -23.51 11.38
N ILE A 1127 -4.93 -24.54 12.11
CA ILE A 1127 -5.88 -25.48 12.71
C ILE A 1127 -6.75 -24.86 13.78
N ALA A 1128 -6.23 -23.88 14.52
CA ALA A 1128 -6.99 -23.22 15.58
C ALA A 1128 -7.94 -22.18 15.00
N TYR A 1129 -7.86 -21.97 13.69
CA TYR A 1129 -8.76 -21.07 12.99
C TYR A 1129 -10.14 -21.67 12.76
N GLY A 1130 -10.31 -22.98 12.99
CA GLY A 1130 -11.61 -23.60 12.76
C GLY A 1130 -12.69 -23.08 13.68
N ASP A 1131 -12.34 -22.74 14.92
CA ASP A 1131 -13.28 -22.16 15.87
C ASP A 1131 -12.72 -20.84 16.36
N ASN A 1132 -13.31 -19.74 15.88
CA ASN A 1132 -12.84 -18.41 16.20
C ASN A 1132 -13.55 -17.80 17.41
N SER A 1133 -14.60 -18.46 17.90
CA SER A 1133 -15.33 -17.96 19.05
C SER A 1133 -14.74 -18.41 20.39
N ARG A 1134 -13.77 -19.32 20.36
CA ARG A 1134 -13.13 -19.83 21.56
C ARG A 1134 -11.65 -20.04 21.29
N VAL A 1135 -10.89 -20.18 22.36
CA VAL A 1135 -9.48 -20.54 22.26
C VAL A 1135 -9.36 -22.05 22.19
N VAL A 1136 -8.69 -22.55 21.16
CA VAL A 1136 -8.57 -23.99 20.95
C VAL A 1136 -7.35 -24.50 21.69
N SER A 1137 -7.55 -25.49 22.56
CA SER A 1137 -6.45 -26.07 23.30
C SER A 1137 -5.55 -26.88 22.37
N TYR A 1138 -4.30 -27.07 22.80
CA TYR A 1138 -3.33 -27.80 22.00
C TYR A 1138 -3.75 -29.25 21.80
N GLU A 1139 -4.35 -29.87 22.82
CA GLU A 1139 -4.78 -31.26 22.69
C GLU A 1139 -5.84 -31.42 21.62
N GLU A 1140 -6.78 -30.48 21.53
CA GLU A 1140 -7.78 -30.52 20.46
C GLU A 1140 -7.13 -30.39 19.10
N ILE A 1141 -6.12 -29.52 18.98
CA ILE A 1141 -5.41 -29.36 17.71
C ILE A 1141 -4.74 -30.66 17.30
N VAL A 1142 -4.08 -31.32 18.25
CA VAL A 1142 -3.42 -32.59 17.94
C VAL A 1142 -4.44 -33.66 17.58
N ARG A 1143 -5.59 -33.67 18.26
CA ARG A 1143 -6.63 -34.64 17.92
C ARG A 1143 -7.15 -34.41 16.50
N ALA A 1144 -7.38 -33.15 16.13
CA ALA A 1144 -7.82 -32.84 14.77
C ALA A 1144 -6.77 -33.24 13.75
N ALA A 1145 -5.49 -32.97 14.06
CA ALA A 1145 -4.41 -33.36 13.15
C ALA A 1145 -4.34 -34.86 12.98
N LYS A 1146 -4.49 -35.62 14.06
CA LYS A 1146 -4.49 -37.07 13.98
C LYS A 1146 -5.67 -37.57 13.14
N GLU A 1147 -6.84 -36.98 13.33
CA GLU A 1147 -8.00 -37.37 12.53
C GLU A 1147 -7.79 -37.05 11.06
N ALA A 1148 -6.99 -36.02 10.76
CA ALA A 1148 -6.71 -35.60 9.40
C ALA A 1148 -5.45 -36.24 8.82
N ASN A 1149 -4.83 -37.17 9.54
CA ASN A 1149 -3.64 -37.89 9.08
C ASN A 1149 -2.50 -36.94 8.73
N ILE A 1150 -2.34 -35.90 9.53
CA ILE A 1150 -1.26 -34.93 9.36
C ILE A 1150 -0.40 -34.76 10.60
N HIS A 1151 -0.77 -35.42 11.71
CA HIS A 1151 -0.02 -35.24 12.96
C HIS A 1151 1.41 -35.76 12.83
N GLN A 1152 1.60 -36.89 12.17
CA GLN A 1152 2.94 -37.47 12.07
C GLN A 1152 3.89 -36.56 11.31
N PHE A 1153 3.42 -35.96 10.22
CA PHE A 1153 4.26 -35.05 9.44
C PHE A 1153 4.70 -33.85 10.28
N ILE A 1154 3.77 -33.24 11.01
CA ILE A 1154 4.11 -32.07 11.81
C ILE A 1154 5.04 -32.45 12.95
N ASP A 1155 4.77 -33.58 13.61
CA ASP A 1155 5.61 -34.01 14.73
C ASP A 1155 7.03 -34.33 14.28
N SER A 1156 7.16 -35.00 13.13
CA SER A 1156 8.50 -35.27 12.60
C SER A 1156 9.17 -34.00 12.11
N LEU A 1157 8.37 -33.00 11.74
CA LEU A 1157 8.92 -31.74 11.27
C LEU A 1157 9.55 -30.97 12.43
N PRO A 1158 10.68 -30.30 12.21
CA PRO A 1158 11.22 -29.42 13.24
C PRO A 1158 10.29 -28.24 13.50
N ASP A 1159 10.35 -27.73 14.73
CA ASP A 1159 9.50 -26.64 15.23
C ASP A 1159 8.08 -27.14 15.46
N LYS A 1160 7.80 -28.38 15.07
CA LYS A 1160 6.53 -29.08 15.31
C LYS A 1160 5.38 -28.19 14.84
N TYR A 1161 4.35 -27.97 15.64
CA TYR A 1161 3.16 -27.20 15.27
C TYR A 1161 3.43 -25.72 15.17
N ASN A 1162 4.60 -25.25 15.60
CA ASN A 1162 4.95 -23.84 15.49
C ASN A 1162 5.57 -23.49 14.15
N THR A 1163 5.72 -24.46 13.25
CA THR A 1163 6.26 -24.19 11.92
C THR A 1163 5.36 -23.22 11.18
N ARG A 1164 5.97 -22.16 10.64
CA ARG A 1164 5.25 -21.16 9.88
C ARG A 1164 5.19 -21.55 8.42
N VAL A 1165 3.98 -21.78 7.92
CA VAL A 1165 3.79 -22.10 6.51
C VAL A 1165 3.82 -20.81 5.70
N GLY A 1166 4.10 -20.93 4.41
CA GLY A 1166 4.28 -19.75 3.58
C GLY A 1166 2.99 -19.03 3.28
N ASP A 1167 3.08 -17.97 2.49
CA ASP A 1167 1.90 -17.22 2.08
C ASP A 1167 0.96 -18.14 1.32
N LYS A 1168 -0.30 -18.21 1.76
CA LYS A 1168 -1.35 -19.07 1.22
C LYS A 1168 -1.01 -20.55 1.37
N GLY A 1169 -0.03 -20.91 2.18
CA GLY A 1169 0.35 -22.30 2.33
C GLY A 1169 1.28 -22.82 1.26
N THR A 1170 2.02 -21.93 0.59
CA THR A 1170 2.92 -22.33 -0.49
C THR A 1170 4.15 -23.09 0.01
N GLN A 1171 4.42 -23.08 1.31
CA GLN A 1171 5.53 -23.85 1.87
C GLN A 1171 5.10 -25.22 2.37
N LEU A 1172 4.05 -25.79 1.77
CA LEU A 1172 3.63 -27.15 2.04
C LEU A 1172 3.27 -27.80 0.71
N SER A 1173 3.28 -29.13 0.69
CA SER A 1173 2.78 -29.83 -0.47
C SER A 1173 1.25 -29.73 -0.52
N GLY A 1174 0.69 -30.04 -1.68
CA GLY A 1174 -0.76 -29.95 -1.83
C GLY A 1174 -1.50 -30.89 -0.89
N GLY A 1175 -1.01 -32.11 -0.74
CA GLY A 1175 -1.64 -33.04 0.18
C GLY A 1175 -1.56 -32.59 1.63
N GLN A 1176 -0.41 -32.05 2.03
CA GLN A 1176 -0.26 -31.55 3.39
C GLN A 1176 -1.18 -30.36 3.65
N LYS A 1177 -1.29 -29.45 2.68
CA LYS A 1177 -2.19 -28.31 2.83
C LYS A 1177 -3.65 -28.75 2.91
N GLN A 1178 -4.03 -29.72 2.07
CA GLN A 1178 -5.39 -30.24 2.14
C GLN A 1178 -5.66 -30.93 3.47
N ARG A 1179 -4.71 -31.69 3.98
CA ARG A 1179 -4.86 -32.35 5.28
C ARG A 1179 -4.94 -31.35 6.43
N ILE A 1180 -4.17 -30.27 6.37
CA ILE A 1180 -4.26 -29.22 7.38
C ILE A 1180 -5.60 -28.49 7.32
N ALA A 1181 -6.12 -28.27 6.11
CA ALA A 1181 -7.47 -27.71 5.98
C ALA A 1181 -8.52 -28.66 6.54
N ILE A 1182 -8.34 -29.96 6.32
CA ILE A 1182 -9.25 -30.95 6.90
C ILE A 1182 -9.21 -30.89 8.42
N ALA A 1183 -8.01 -30.77 8.99
CA ALA A 1183 -7.89 -30.64 10.44
C ALA A 1183 -8.57 -29.36 10.94
N ARG A 1184 -8.40 -28.26 10.21
CA ARG A 1184 -9.04 -27.01 10.59
C ARG A 1184 -10.56 -27.15 10.57
N ALA A 1185 -11.09 -27.85 9.58
CA ALA A 1185 -12.54 -28.06 9.54
C ALA A 1185 -13.00 -29.01 10.63
N LEU A 1186 -12.20 -30.00 10.99
CA LEU A 1186 -12.64 -31.02 11.93
C LEU A 1186 -12.48 -30.59 13.38
N VAL A 1187 -11.57 -29.66 13.68
CA VAL A 1187 -11.43 -29.19 15.06
C VAL A 1187 -12.69 -28.46 15.51
N ARG A 1188 -13.43 -27.88 14.56
CA ARG A 1188 -14.68 -27.21 14.87
C ARG A 1188 -15.74 -28.18 15.39
N GLN A 1189 -15.58 -29.48 15.12
CA GLN A 1189 -16.60 -30.48 15.40
C GLN A 1189 -17.93 -30.10 14.73
N PRO A 1190 -17.93 -29.90 13.42
CA PRO A 1190 -19.11 -29.34 12.76
C PRO A 1190 -20.26 -30.33 12.70
N HIS A 1191 -21.48 -29.78 12.70
CA HIS A 1191 -22.66 -30.61 12.47
C HIS A 1191 -22.85 -30.94 11.00
N ILE A 1192 -22.44 -30.06 10.11
CA ILE A 1192 -22.53 -30.28 8.67
C ILE A 1192 -21.12 -30.14 8.09
N LEU A 1193 -20.61 -31.21 7.50
CA LEU A 1193 -19.27 -31.25 6.93
C LEU A 1193 -19.37 -31.14 5.42
N LEU A 1194 -18.94 -29.99 4.89
CA LEU A 1194 -19.00 -29.71 3.45
C LEU A 1194 -17.60 -29.86 2.88
N LEU A 1195 -17.35 -30.98 2.22
CA LEU A 1195 -16.06 -31.27 1.61
C LEU A 1195 -16.16 -31.03 0.10
N ASP A 1196 -15.24 -30.23 -0.44
CA ASP A 1196 -15.20 -29.94 -1.87
C ASP A 1196 -13.86 -30.43 -2.39
N GLU A 1197 -13.83 -31.69 -2.83
CA GLU A 1197 -12.59 -32.34 -3.25
C GLU A 1197 -11.53 -32.23 -2.14
N ALA A 1198 -11.90 -32.64 -0.93
CA ALA A 1198 -11.02 -32.54 0.22
C ALA A 1198 -9.86 -33.51 0.18
N THR A 1199 -9.88 -34.50 -0.71
CA THR A 1199 -8.80 -35.47 -0.82
C THR A 1199 -8.20 -35.49 -2.23
N SER A 1200 -8.31 -34.38 -2.97
CA SER A 1200 -7.82 -34.37 -4.35
C SER A 1200 -6.32 -34.57 -4.41
N ALA A 1201 -5.57 -33.92 -3.52
CA ALA A 1201 -4.11 -34.01 -3.51
C ALA A 1201 -3.58 -35.11 -2.62
N LEU A 1202 -4.43 -35.77 -1.84
CA LEU A 1202 -3.99 -36.85 -0.97
C LEU A 1202 -3.75 -38.12 -1.77
N ASP A 1203 -2.78 -38.91 -1.34
CA ASP A 1203 -2.52 -40.20 -1.95
C ASP A 1203 -3.52 -41.23 -1.42
N THR A 1204 -3.39 -42.47 -1.88
CA THR A 1204 -4.37 -43.50 -1.54
C THR A 1204 -4.36 -43.82 -0.05
N GLU A 1205 -3.18 -43.94 0.55
CA GLU A 1205 -3.11 -44.31 1.97
C GLU A 1205 -3.68 -43.21 2.86
N SER A 1206 -3.30 -41.95 2.60
CA SER A 1206 -3.83 -40.85 3.41
C SER A 1206 -5.32 -40.69 3.19
N GLU A 1207 -5.79 -40.88 1.95
CA GLU A 1207 -7.22 -40.83 1.68
C GLU A 1207 -7.96 -41.91 2.47
N LYS A 1208 -7.42 -43.12 2.49
CA LYS A 1208 -8.04 -44.21 3.25
C LYS A 1208 -8.08 -43.88 4.75
N VAL A 1209 -6.98 -43.34 5.29
CA VAL A 1209 -6.94 -43.00 6.70
C VAL A 1209 -7.98 -41.93 7.03
N VAL A 1210 -8.04 -40.88 6.21
CA VAL A 1210 -9.00 -39.80 6.45
C VAL A 1210 -10.43 -40.30 6.34
N GLN A 1211 -10.72 -41.13 5.33
CA GLN A 1211 -12.06 -41.68 5.18
C GLN A 1211 -12.44 -42.61 6.33
N GLU A 1212 -11.51 -43.42 6.83
CA GLU A 1212 -11.81 -44.26 7.99
C GLU A 1212 -12.07 -43.40 9.22
N ALA A 1213 -11.28 -42.34 9.41
CA ALA A 1213 -11.50 -41.44 10.53
C ALA A 1213 -12.87 -40.78 10.44
N LEU A 1214 -13.27 -40.37 9.23
CA LEU A 1214 -14.61 -39.82 9.05
C LEU A 1214 -15.69 -40.85 9.31
N ASP A 1215 -15.46 -42.10 8.89
CA ASP A 1215 -16.45 -43.15 9.08
C ASP A 1215 -16.64 -43.48 10.55
N LYS A 1216 -15.57 -43.38 11.34
CA LYS A 1216 -15.70 -43.62 12.78
C LYS A 1216 -16.65 -42.62 13.42
N ALA A 1217 -16.73 -41.40 12.87
CA ALA A 1217 -17.66 -40.38 13.32
C ALA A 1217 -18.80 -40.18 12.33
N ARG A 1218 -19.28 -41.26 11.70
CA ARG A 1218 -20.31 -41.15 10.68
C ARG A 1218 -21.60 -40.59 11.26
N GLU A 1219 -22.03 -41.08 12.41
CA GLU A 1219 -23.24 -40.60 13.06
C GLU A 1219 -22.98 -39.31 13.80
N GLY A 1220 -24.07 -38.60 14.11
CA GLY A 1220 -23.99 -37.35 14.81
C GLY A 1220 -23.76 -36.13 13.94
N ARG A 1221 -23.53 -36.32 12.64
CA ARG A 1221 -23.31 -35.20 11.73
C ARG A 1221 -23.67 -35.64 10.32
N THR A 1222 -24.04 -34.67 9.49
CA THR A 1222 -24.32 -34.90 8.08
C THR A 1222 -23.15 -34.40 7.25
N VAL A 1223 -22.84 -35.14 6.19
CA VAL A 1223 -21.67 -34.86 5.34
C VAL A 1223 -22.13 -34.74 3.90
N ILE A 1224 -21.75 -33.64 3.25
CA ILE A 1224 -21.92 -33.45 1.82
C ILE A 1224 -20.53 -33.35 1.21
N VAL A 1225 -20.18 -34.31 0.36
CA VAL A 1225 -18.83 -34.43 -0.18
C VAL A 1225 -18.89 -34.41 -1.70
N ILE A 1226 -17.98 -33.66 -2.30
CA ILE A 1226 -17.83 -33.59 -3.75
C ILE A 1226 -16.49 -34.20 -4.11
N ALA A 1227 -16.49 -35.16 -5.02
CA ALA A 1227 -15.27 -35.84 -5.44
C ALA A 1227 -15.36 -36.21 -6.91
N HIS A 1228 -14.19 -36.39 -7.52
CA HIS A 1228 -14.11 -36.83 -8.91
C HIS A 1228 -13.56 -38.24 -9.04
N ARG A 1229 -12.93 -38.79 -8.00
CA ARG A 1229 -12.49 -40.17 -7.99
C ARG A 1229 -13.63 -41.04 -7.47
N LEU A 1230 -13.93 -42.12 -8.19
CA LEU A 1230 -15.05 -42.99 -7.83
C LEU A 1230 -14.63 -44.04 -6.81
N SER A 1231 -14.00 -43.59 -5.72
CA SER A 1231 -13.66 -44.47 -4.61
C SER A 1231 -14.25 -43.92 -3.31
N THR A 1232 -14.17 -42.61 -3.13
CA THR A 1232 -14.81 -41.97 -1.98
C THR A 1232 -16.32 -41.97 -2.16
N ILE A 1233 -16.79 -41.79 -3.39
CA ILE A 1233 -18.22 -41.70 -3.67
C ILE A 1233 -18.92 -43.04 -3.51
N GLN A 1234 -18.16 -44.14 -3.48
CA GLN A 1234 -18.76 -45.46 -3.46
C GLN A 1234 -19.57 -45.72 -2.20
N ASN A 1235 -19.06 -45.29 -1.04
CA ASN A 1235 -19.65 -45.62 0.24
C ASN A 1235 -20.65 -44.59 0.74
N ALA A 1236 -20.96 -43.56 -0.05
CA ALA A 1236 -21.91 -42.55 0.37
C ALA A 1236 -23.31 -43.14 0.49
N ASP A 1237 -24.09 -42.60 1.42
CA ASP A 1237 -25.47 -43.07 1.60
C ASP A 1237 -26.30 -42.83 0.36
N LEU A 1238 -26.18 -41.65 -0.24
CA LEU A 1238 -26.85 -41.34 -1.49
C LEU A 1238 -25.92 -40.50 -2.35
N ILE A 1239 -25.96 -40.74 -3.66
CA ILE A 1239 -25.10 -40.05 -4.62
C ILE A 1239 -25.99 -39.44 -5.69
N VAL A 1240 -25.73 -38.19 -6.05
CA VAL A 1240 -26.52 -37.47 -7.04
C VAL A 1240 -25.59 -36.85 -8.07
N VAL A 1241 -26.03 -36.87 -9.33
CA VAL A 1241 -25.27 -36.34 -10.46
C VAL A 1241 -25.79 -34.93 -10.71
N ILE A 1242 -24.91 -33.94 -10.59
CA ILE A 1242 -25.30 -32.54 -10.75
C ILE A 1242 -24.55 -32.02 -11.98
N GLN A 1243 -25.21 -32.10 -13.13
CA GLN A 1243 -24.71 -31.48 -14.35
C GLN A 1243 -25.77 -30.55 -14.90
N ASN A 1244 -25.33 -29.39 -15.40
CA ASN A 1244 -26.21 -28.36 -15.95
C ASN A 1244 -27.28 -27.93 -14.95
N GLY A 1245 -26.91 -27.92 -13.66
CA GLY A 1245 -27.77 -27.39 -12.62
C GLY A 1245 -28.94 -28.27 -12.23
N LYS A 1246 -29.01 -29.51 -12.71
CA LYS A 1246 -30.10 -30.41 -12.36
C LYS A 1246 -29.54 -31.67 -11.74
N VAL A 1247 -30.37 -32.30 -10.89
CA VAL A 1247 -30.12 -33.69 -10.51
C VAL A 1247 -30.81 -34.61 -11.51
N LYS A 1248 -30.05 -35.55 -12.05
CA LYS A 1248 -30.54 -36.44 -13.10
C LYS A 1248 -30.54 -37.89 -12.63
N GLU A 1249 -29.46 -38.35 -12.00
CA GLU A 1249 -29.34 -39.72 -11.54
C GLU A 1249 -29.32 -39.73 -10.02
N HIS A 1250 -30.36 -40.30 -9.41
CA HIS A 1250 -30.55 -40.28 -7.97
C HIS A 1250 -30.62 -41.70 -7.44
N GLY A 1251 -29.90 -41.95 -6.35
CA GLY A 1251 -29.88 -43.27 -5.72
C GLY A 1251 -28.58 -43.57 -5.03
N THR A 1252 -28.42 -44.81 -4.58
CA THR A 1252 -27.19 -45.24 -3.94
C THR A 1252 -26.19 -45.73 -5.00
N HIS A 1253 -25.04 -46.21 -4.54
CA HIS A 1253 -24.00 -46.65 -5.47
C HIS A 1253 -24.45 -47.85 -6.29
N GLN A 1254 -25.00 -48.86 -5.62
CA GLN A 1254 -25.42 -50.08 -6.32
C GLN A 1254 -26.56 -49.80 -7.28
N GLN A 1255 -27.53 -48.99 -6.86
CA GLN A 1255 -28.69 -48.69 -7.71
C GLN A 1255 -28.27 -47.97 -8.99
N LEU A 1256 -27.37 -46.98 -8.86
CA LEU A 1256 -26.96 -46.21 -10.03
C LEU A 1256 -26.00 -47.02 -10.90
N LEU A 1257 -25.19 -47.88 -10.29
CA LEU A 1257 -24.28 -48.71 -11.06
C LEU A 1257 -25.03 -49.77 -11.85
N ALA A 1258 -26.10 -50.33 -11.27
CA ALA A 1258 -26.85 -51.39 -11.94
C ALA A 1258 -27.52 -50.88 -13.21
N GLN A 1259 -28.13 -49.70 -13.16
CA GLN A 1259 -28.80 -49.13 -14.33
C GLN A 1259 -27.76 -48.37 -15.16
N LYS A 1260 -27.75 -48.62 -16.46
CA LYS A 1260 -26.82 -47.93 -17.34
C LYS A 1260 -27.19 -46.45 -17.43
N GLY A 1261 -26.20 -45.59 -17.24
CA GLY A 1261 -26.45 -44.17 -17.26
C GLY A 1261 -25.18 -43.38 -17.09
N ILE A 1262 -25.34 -42.20 -16.49
CA ILE A 1262 -24.20 -41.28 -16.33
C ILE A 1262 -23.19 -41.85 -15.34
N TYR A 1263 -23.67 -42.32 -14.19
CA TYR A 1263 -22.75 -42.87 -13.19
C TYR A 1263 -22.00 -44.08 -13.74
N PHE A 1264 -22.70 -44.96 -14.44
CA PHE A 1264 -22.02 -46.07 -15.11
C PHE A 1264 -21.08 -45.57 -16.18
N SER A 1265 -21.41 -44.42 -16.80
CA SER A 1265 -20.52 -43.84 -17.80
C SER A 1265 -19.19 -43.44 -17.18
N MET A 1266 -19.22 -42.80 -16.02
CA MET A 1266 -17.95 -42.50 -15.33
C MET A 1266 -17.26 -43.77 -14.85
N VAL A 1267 -18.04 -44.75 -14.38
CA VAL A 1267 -17.45 -45.96 -13.82
C VAL A 1267 -16.68 -46.72 -14.89
N SER A 1268 -17.24 -46.82 -16.10
CA SER A 1268 -16.63 -47.65 -17.15
C SER A 1268 -15.27 -47.12 -17.56
N VAL A 1269 -15.15 -45.82 -17.80
CA VAL A 1269 -13.91 -45.28 -18.33
C VAL A 1269 -12.90 -45.03 -17.22
N GLN A 1270 -13.36 -45.05 -15.96
CA GLN A 1270 -12.43 -44.91 -14.84
C GLN A 1270 -11.47 -46.10 -14.77
N ALA A 1271 -11.99 -47.30 -14.98
CA ALA A 1271 -11.16 -48.50 -14.95
C ALA A 1271 -10.56 -48.80 -16.32
PG ATP B . 1.76 -33.60 -3.17
O1G ATP B . 1.41 -32.52 -4.13
O2G ATP B . 1.03 -33.50 -1.83
O3G ATP B . 1.56 -35.01 -3.74
PB ATP B . 4.74 -33.57 -3.50
O1B ATP B . 5.21 -34.94 -3.71
O2B ATP B . 4.63 -32.70 -4.75
O3B ATP B . 3.31 -33.54 -2.79
PA ATP B . 6.43 -31.40 -2.41
O1A ATP B . 5.57 -30.26 -2.80
O2A ATP B . 7.69 -31.58 -3.25
O3A ATP B . 5.63 -32.76 -2.45
O5' ATP B . 6.87 -31.26 -0.90
C5' ATP B . 7.83 -32.17 -0.32
C4' ATP B . 8.33 -31.60 0.98
O4' ATP B . 8.87 -30.27 0.76
C3' ATP B . 7.28 -31.45 2.08
O3' ATP B . 7.84 -31.77 3.36
C2' ATP B . 6.89 -29.97 2.00
O2' ATP B . 6.45 -29.47 3.25
C1' ATP B . 8.22 -29.33 1.59
N9 ATP B . 8.08 -28.09 0.87
C8 ATP B . 7.43 -27.89 -0.33
N7 ATP B . 7.46 -26.65 -0.76
C5 ATP B . 8.19 -25.98 0.22
C6 ATP B . 8.59 -24.64 0.34
N6 ATP B . 8.29 -23.68 -0.54
N1 ATP B . 9.31 -24.30 1.44
C2 ATP B . 9.61 -25.25 2.33
N3 ATP B . 9.30 -26.55 2.30
C4 ATP B . 8.58 -26.85 1.22
MG MG C . 3.09 -31.28 -4.76
PG ATP D . -15.66 -28.68 -10.62
O1G ATP D . -16.17 -30.08 -10.69
O2G ATP D . -14.90 -28.36 -9.33
O3G ATP D . -14.78 -28.30 -11.82
PB ATP D . -18.19 -27.30 -9.86
O1B ATP D . -19.26 -28.29 -10.12
O2B ATP D . -17.80 -27.10 -8.40
O3B ATP D . -16.87 -27.64 -10.66
PA ATP D . -18.87 -24.41 -9.86
O1A ATP D . -17.75 -23.91 -9.03
O2A ATP D . -20.21 -24.49 -9.14
O3A ATP D . -18.56 -25.86 -10.44
O5' ATP D . -19.07 -23.54 -11.15
C5' ATP D . -20.22 -23.69 -11.99
C4' ATP D . -20.29 -22.55 -12.97
O4' ATP D . -20.29 -21.29 -12.25
C3' ATP D . -19.13 -22.46 -13.97
O3' ATP D . -19.58 -22.03 -15.24
C2' ATP D . -18.19 -21.43 -13.32
O2' ATP D . -17.42 -20.74 -14.30
C1' ATP D . -19.20 -20.49 -12.67
N9 ATP D . -18.68 -19.78 -11.50
C8 ATP D . -18.10 -20.33 -10.39
N7 ATP D . -17.73 -19.44 -9.49
C5 ATP D . -18.10 -18.23 -10.05
C6 ATP D . -17.99 -16.91 -9.59
N6 ATP D . -17.45 -16.56 -8.43
N1 ATP D . -18.47 -15.92 -10.39
C2 ATP D . -19.01 -16.27 -11.56
N3 ATP D . -19.18 -17.47 -12.09
C4 ATP D . -18.70 -18.42 -11.29
MG MG E . -15.80 -26.84 -7.99
CAA Y01 F . 10.31 32.65 -17.24
CBA Y01 F . 10.30 31.52 -16.22
CAB Y01 F . 9.68 31.99 -14.92
CAN Y01 F . 11.71 30.97 -15.99
CAJ Y01 F . 12.25 30.10 -17.09
CAO Y01 F . 11.35 28.93 -17.43
CBB Y01 F . 12.06 27.64 -17.88
CAC Y01 F . 13.22 27.35 -16.92
CBE Y01 F . 11.04 26.50 -17.97
CAP Y01 F . 9.75 26.94 -18.71
CAQ Y01 F . 9.25 25.72 -19.51
CBG Y01 F . 10.02 24.57 -18.90
CBI Y01 F . 11.43 25.15 -18.65
CAE Y01 F . 12.18 25.42 -19.97
CAU Y01 F . 12.18 24.13 -17.79
CAS Y01 F . 12.20 22.73 -18.43
CBF Y01 F . 10.80 22.19 -18.77
CBD Y01 F . 9.98 23.21 -19.59
CAK Y01 F . 8.55 22.72 -19.76
CAI Y01 F . 8.45 21.25 -19.97
CAZ Y01 F . 9.47 20.40 -19.94
CAV Y01 F . 9.29 18.96 -20.37
CBH Y01 F . 10.84 20.78 -19.42
CAD Y01 F . 11.84 20.71 -20.59
CAT Y01 F . 11.23 19.74 -18.34
CAR Y01 F . 11.05 18.29 -18.78
CBC Y01 F . 9.66 18.02 -19.25
OAW Y01 F . 9.59 16.66 -19.78
CAY Y01 F . 9.22 15.68 -18.97
OAG Y01 F . 8.20 15.67 -18.34
CAM Y01 F . 10.26 14.57 -18.91
CAL Y01 F . 10.65 13.92 -20.21
CAX Y01 F . 11.89 14.51 -20.86
OAH Y01 F . 12.26 14.04 -21.96
OAF Y01 F . 12.50 15.42 -20.27
C01 JJI G . 10.38 38.07 6.90
C02 JJI G . 9.08 37.32 7.19
C03 JJI G . 7.28 36.53 8.42
C04 JJI G . 6.95 35.92 7.22
C05 JJI G . 6.41 36.40 9.68
C06 JJI G . 4.96 37.95 11.21
C07 JJI G . 5.50 39.16 11.90
C08 JJI G . 6.92 40.82 12.59
C09 JJI G . 5.77 41.31 13.18
C10 JJI G . 8.25 41.52 12.80
C11 JJI G . 8.00 43.19 11.05
C12 JJI G . 8.85 42.73 9.93
C13 JJI G . 9.85 41.54 8.33
C14 JJI G . 10.56 42.70 8.12
C15 JJI G . 10.01 40.32 7.48
C16 JJI G . 4.41 36.87 12.11
C17 JJI G . 8.32 44.66 10.94
C18 JJI G . 11.60 37.16 7.05
N01 JJI G . 10.38 39.05 7.96
N02 JJI G . 8.43 37.28 8.35
N03 JJI G . 5.83 37.63 10.12
N04 JJI G . 6.73 39.65 11.89
N05 JJI G . 8.75 42.65 12.10
N06 JJI G . 8.93 41.57 9.32
O01 JJI G . 6.25 35.38 10.25
O02 JJI G . 8.95 41.13 13.66
O03 JJI G . 9.76 40.39 6.35
S01 JJI G . 8.18 36.38 6.15
S02 JJI G . 4.55 40.20 12.76
S03 JJI G . 9.95 43.76 9.28
S04 JJI G . 11.09 35.43 6.90
S JJI G . 10.19 34.51 8.28
C1 JJI G . 9.71 32.81 7.95
C2 JJI G . 10.37 31.97 7.05
N2 JJI G . 11.52 32.37 6.26
O21 JJI G . 11.34 32.87 4.96
O22 JJI G . 12.82 32.22 6.76
C3 JJI G . 9.91 30.69 6.88
C4 JJI G . 8.82 30.25 7.60
N4 JJI G . 8.38 28.90 7.41
O41 JJI G . 8.09 28.13 8.55
O42 JJI G . 8.22 28.39 6.11
C5 JJI G . 8.17 31.07 8.49
C6 JJI G . 8.61 32.36 8.66
C10 JIZ H . 5.45 32.77 13.45
C13 JIZ H . 9.10 36.57 13.53
C15 JIZ H . 10.40 36.52 12.74
C17 JIZ H . 5.74 34.76 16.45
C01 JIZ H . 12.47 35.17 12.14
C02 JIZ H . 12.36 33.80 11.47
C03 JIZ H . 11.55 31.61 10.92
C04 JIZ H . 12.75 31.83 10.02
C05 JIZ H . 10.62 30.40 11.00
C06 JIZ H . 9.09 29.03 12.50
C07 JIZ H . 7.73 29.70 12.58
C08 JIZ H . 5.98 31.42 13.00
C09 JIZ H . 5.26 30.27 12.46
C11 JIZ H . 5.85 34.79 14.94
C12 JIZ H . 6.98 35.72 14.52
C14 JIZ H . 8.49 37.73 14.17
C16 JIZ H . 9.41 28.38 13.84
C18 JIZ H . 13.65 35.20 13.11
N01 JIZ H . 11.23 35.34 12.86
N02 JIZ H . 11.37 32.95 11.82
N03 JIZ H . 10.01 30.12 12.29
N04 JIZ H . 7.55 31.04 13.07
N05 JIZ H . 6.23 33.49 14.43
N06 JIZ H . 8.12 35.30 13.75
O01 JIZ H . 10.38 29.73 10.06
O02 JIZ H . 4.45 33.22 13.00
O03 JIZ H . 10.73 37.42 12.04
S01 JIZ H . 13.31 33.26 10.37
S02 JIZ H . 6.30 29.15 12.17
S03 JIZ H . 7.15 37.27 14.83
S04 JIZ H . 14.13 36.92 13.41
#